data_1LIR
#
_entry.id   1LIR
#
_cell.length_a   1.000
_cell.length_b   1.000
_cell.length_c   1.000
_cell.angle_alpha   90.00
_cell.angle_beta   90.00
_cell.angle_gamma   90.00
#
_symmetry.space_group_name_H-M   'P 1'
#
_entity_poly.entity_id   1
_entity_poly.type   'polypeptide(L)'
_entity_poly.pdbx_seq_one_letter_code
;(PCA)FTQESCTASNQCWSICKRLHNTNRGKCMNKKCRCYS
;
_entity_poly.pdbx_strand_id   A
#
# COMPACT_ATOMS: atom_id res chain seq x y z
N PCA A 1 6.74 3.44 0.97
CA PCA A 1 7.97 3.35 0.17
CB PCA A 1 9.06 3.09 1.23
CG PCA A 1 8.48 3.84 2.45
CD PCA A 1 6.98 3.69 2.22
OE PCA A 1 6.14 3.81 3.10
C PCA A 1 7.81 2.25 -0.89
O PCA A 1 8.41 1.21 -0.79
H PCA A 1 5.85 3.31 0.59
HA PCA A 1 8.13 4.30 -0.32
HB2 PCA A 1 10.01 3.51 0.92
HB3 PCA A 1 9.17 2.04 1.43
HG2 PCA A 1 8.75 4.88 2.45
HG3 PCA A 1 8.77 3.38 3.38
N PHE A 2 6.98 2.57 -1.85
CA PHE A 2 6.62 1.69 -3.02
C PHE A 2 7.35 0.35 -3.15
N THR A 3 6.52 -0.65 -3.27
CA THR A 3 6.99 -2.06 -3.42
C THR A 3 6.42 -2.69 -4.68
N GLN A 4 6.74 -3.96 -4.78
CA GLN A 4 6.32 -4.80 -5.92
C GLN A 4 5.28 -5.79 -5.36
N GLU A 5 4.50 -5.25 -4.44
CA GLU A 5 3.42 -6.02 -3.76
C GLU A 5 2.11 -5.61 -4.45
N SER A 6 1.14 -6.49 -4.41
CA SER A 6 -0.18 -6.23 -5.04
C SER A 6 -1.38 -5.88 -4.14
N CYS A 7 -2.24 -5.11 -4.75
CA CYS A 7 -3.50 -4.64 -4.09
C CYS A 7 -4.70 -4.86 -4.98
N THR A 8 -5.80 -4.65 -4.34
CA THR A 8 -7.16 -4.77 -4.95
C THR A 8 -7.73 -3.36 -4.81
N ALA A 9 -7.51 -2.81 -3.64
CA ALA A 9 -7.99 -1.43 -3.31
C ALA A 9 -6.94 -0.64 -2.52
N SER A 10 -7.20 0.64 -2.39
CA SER A 10 -6.29 1.57 -1.65
C SER A 10 -6.49 1.20 -0.18
N ASN A 11 -7.75 1.09 0.13
CA ASN A 11 -8.22 0.74 1.49
C ASN A 11 -7.49 -0.52 1.99
N GLN A 12 -7.20 -1.35 1.03
CA GLN A 12 -6.50 -2.63 1.28
C GLN A 12 -5.00 -2.35 1.30
N CYS A 13 -4.57 -1.49 0.40
CA CYS A 13 -3.12 -1.13 0.31
C CYS A 13 -2.63 -0.64 1.67
N TRP A 14 -3.56 -0.10 2.43
CA TRP A 14 -3.22 0.43 3.78
C TRP A 14 -2.69 -0.71 4.65
N SER A 15 -3.43 -1.80 4.63
CA SER A 15 -3.07 -3.02 5.40
C SER A 15 -1.65 -3.44 5.04
N ILE A 16 -1.40 -3.41 3.75
CA ILE A 16 -0.07 -3.77 3.21
C ILE A 16 0.96 -2.78 3.73
N CYS A 17 0.58 -1.52 3.78
CA CYS A 17 1.49 -0.45 4.27
C CYS A 17 1.77 -0.58 5.77
N LYS A 18 0.82 -1.16 6.47
CA LYS A 18 0.96 -1.36 7.93
C LYS A 18 2.04 -2.42 8.16
N ARG A 19 2.08 -3.39 7.27
CA ARG A 19 3.08 -4.49 7.39
C ARG A 19 4.30 -4.24 6.47
N LEU A 20 4.37 -3.01 6.02
CA LEU A 20 5.47 -2.52 5.12
C LEU A 20 6.29 -1.48 5.89
N HIS A 21 5.65 -0.36 6.05
CA HIS A 21 6.23 0.82 6.76
C HIS A 21 5.21 1.36 7.78
N ASN A 22 4.70 0.45 8.57
CA ASN A 22 3.69 0.72 9.64
C ASN A 22 2.80 1.96 9.43
N THR A 23 2.22 2.00 8.27
CA THR A 23 1.31 3.11 7.87
C THR A 23 -0.03 2.60 7.31
N ASN A 24 -0.94 3.53 7.25
CA ASN A 24 -2.33 3.30 6.75
C ASN A 24 -2.58 4.32 5.63
N ARG A 25 -1.51 4.92 5.18
CA ARG A 25 -1.54 5.95 4.10
C ARG A 25 -0.89 5.41 2.82
N GLY A 26 -1.61 4.48 2.25
CA GLY A 26 -1.18 3.81 1.00
C GLY A 26 -2.25 3.98 -0.08
N LYS A 27 -1.77 3.84 -1.28
CA LYS A 27 -2.63 3.97 -2.50
C LYS A 27 -2.44 2.74 -3.38
N CYS A 28 -3.50 2.34 -4.04
CA CYS A 28 -3.46 1.16 -4.94
C CYS A 28 -3.44 1.64 -6.39
N MET A 29 -2.41 1.25 -7.10
CA MET A 29 -2.22 1.63 -8.52
C MET A 29 -1.84 0.35 -9.27
N ASN A 30 -2.47 0.12 -10.40
CA ASN A 30 -2.22 -1.09 -11.26
C ASN A 30 -1.90 -2.28 -10.34
N LYS A 31 -2.92 -2.61 -9.57
CA LYS A 31 -2.94 -3.69 -8.57
C LYS A 31 -1.59 -3.90 -7.86
N LYS A 32 -1.06 -2.78 -7.47
CA LYS A 32 0.25 -2.72 -6.74
C LYS A 32 0.07 -1.69 -5.64
N CYS A 33 0.78 -1.84 -4.54
CA CYS A 33 0.63 -0.86 -3.43
C CYS A 33 1.83 0.06 -3.23
N ARG A 34 1.50 1.30 -3.00
CA ARG A 34 2.50 2.39 -2.77
C ARG A 34 2.19 2.94 -1.38
N CYS A 35 3.19 3.14 -0.56
CA CYS A 35 2.95 3.66 0.81
C CYS A 35 3.78 4.92 1.12
N TYR A 36 3.39 5.55 2.20
CA TYR A 36 4.05 6.77 2.70
C TYR A 36 4.76 6.41 4.01
N SER A 37 5.55 7.33 4.50
CA SER A 37 6.34 7.17 5.77
C SER A 37 6.64 5.69 6.14
N PCA A 1 6.82 6.11 -0.88
CA PCA A 1 7.35 4.82 -0.36
CB PCA A 1 7.15 4.96 1.15
CG PCA A 1 7.38 6.46 1.35
CD PCA A 1 6.82 7.04 0.04
OE PCA A 1 6.45 8.19 -0.10
C PCA A 1 6.61 3.64 -1.01
O PCA A 1 5.70 3.06 -0.43
H PCA A 1 6.52 6.23 -1.79
HA PCA A 1 8.38 4.76 -0.62
HB2 PCA A 1 7.90 4.39 1.69
HB3 PCA A 1 6.17 4.68 1.47
HG2 PCA A 1 8.42 6.72 1.45
HG3 PCA A 1 6.81 6.84 2.19
N PHE A 2 7.02 3.32 -2.21
CA PHE A 2 6.41 2.20 -2.97
C PHE A 2 6.85 0.84 -2.42
N THR A 3 6.05 -0.16 -2.69
CA THR A 3 6.33 -1.55 -2.24
C THR A 3 6.35 -2.48 -3.44
N GLN A 4 6.67 -3.71 -3.14
CA GLN A 4 6.74 -4.78 -4.17
C GLN A 4 5.58 -5.74 -3.85
N GLU A 5 4.49 -5.15 -3.43
CA GLU A 5 3.27 -5.95 -3.08
C GLU A 5 2.11 -5.46 -3.97
N SER A 6 1.11 -6.28 -4.08
CA SER A 6 -0.08 -5.98 -4.89
C SER A 6 -1.29 -5.56 -4.06
N CYS A 7 -2.20 -4.95 -4.75
CA CYS A 7 -3.46 -4.45 -4.15
C CYS A 7 -4.64 -4.70 -5.07
N THR A 8 -5.77 -4.47 -4.46
CA THR A 8 -7.09 -4.62 -5.12
C THR A 8 -7.69 -3.22 -5.00
N ALA A 9 -7.54 -2.69 -3.82
CA ALA A 9 -8.06 -1.32 -3.49
C ALA A 9 -7.01 -0.53 -2.70
N SER A 10 -7.26 0.75 -2.54
CA SER A 10 -6.34 1.64 -1.79
C SER A 10 -6.51 1.23 -0.32
N ASN A 11 -7.77 1.06 0.00
CA ASN A 11 -8.20 0.64 1.36
C ASN A 11 -7.44 -0.61 1.80
N GLN A 12 -7.13 -1.41 0.81
CA GLN A 12 -6.40 -2.67 1.02
C GLN A 12 -4.90 -2.38 0.99
N CYS A 13 -4.52 -1.45 0.14
CA CYS A 13 -3.07 -1.07 0.03
C CYS A 13 -2.56 -0.63 1.40
N TRP A 14 -3.46 -0.05 2.15
CA TRP A 14 -3.12 0.45 3.52
C TRP A 14 -2.51 -0.70 4.34
N SER A 15 -3.15 -1.84 4.22
CA SER A 15 -2.72 -3.06 4.93
C SER A 15 -1.29 -3.43 4.54
N ILE A 16 -1.04 -3.38 3.27
CA ILE A 16 0.33 -3.71 2.76
C ILE A 16 1.32 -2.75 3.40
N CYS A 17 0.97 -1.49 3.38
CA CYS A 17 1.84 -0.45 3.97
C CYS A 17 1.95 -0.64 5.48
N LYS A 18 0.93 -1.20 6.07
CA LYS A 18 0.90 -1.43 7.54
C LYS A 18 1.83 -2.59 7.93
N ARG A 19 2.00 -3.53 7.03
CA ARG A 19 2.87 -4.69 7.32
C ARG A 19 4.26 -4.50 6.68
N LEU A 20 4.37 -3.48 5.86
CA LEU A 20 5.66 -3.15 5.17
C LEU A 20 6.23 -1.84 5.71
N HIS A 21 5.52 -0.79 5.42
CA HIS A 21 5.92 0.58 5.86
C HIS A 21 5.09 1.08 7.06
N ASN A 22 4.73 0.15 7.92
CA ASN A 22 3.92 0.37 9.16
C ASN A 22 2.96 1.59 9.17
N THR A 23 2.29 1.75 8.06
CA THR A 23 1.31 2.87 7.89
C THR A 23 0.01 2.41 7.21
N ASN A 24 -0.95 3.29 7.26
CA ASN A 24 -2.29 3.07 6.67
C ASN A 24 -2.57 4.19 5.66
N ARG A 25 -1.49 4.77 5.22
CA ARG A 25 -1.50 5.89 4.24
C ARG A 25 -0.93 5.37 2.91
N GLY A 26 -1.74 4.57 2.27
CA GLY A 26 -1.38 3.95 0.97
C GLY A 26 -2.39 4.25 -0.13
N LYS A 27 -1.94 3.99 -1.33
CA LYS A 27 -2.72 4.19 -2.58
C LYS A 27 -2.49 2.98 -3.51
N CYS A 28 -3.54 2.52 -4.14
CA CYS A 28 -3.46 1.35 -5.07
C CYS A 28 -3.48 1.75 -6.57
N MET A 29 -2.44 1.36 -7.27
CA MET A 29 -2.31 1.68 -8.72
C MET A 29 -1.90 0.38 -9.42
N ASN A 30 -2.57 0.09 -10.52
CA ASN A 30 -2.30 -1.15 -11.33
C ASN A 30 -1.89 -2.29 -10.38
N LYS A 31 -2.87 -2.63 -9.59
CA LYS A 31 -2.81 -3.69 -8.54
C LYS A 31 -1.44 -3.84 -7.89
N LYS A 32 -0.92 -2.68 -7.56
CA LYS A 32 0.42 -2.54 -6.89
C LYS A 32 0.17 -1.52 -5.79
N CYS A 33 0.83 -1.67 -4.66
CA CYS A 33 0.61 -0.71 -3.57
C CYS A 33 1.74 0.29 -3.33
N ARG A 34 1.31 1.49 -3.05
CA ARG A 34 2.18 2.65 -2.78
C ARG A 34 1.86 3.18 -1.38
N CYS A 35 2.84 3.73 -0.72
CA CYS A 35 2.66 4.29 0.64
C CYS A 35 3.22 5.71 0.55
N TYR A 36 2.83 6.53 1.50
CA TYR A 36 3.29 7.93 1.57
C TYR A 36 4.34 8.05 2.66
N SER A 37 4.11 7.31 3.72
CA SER A 37 5.02 7.28 4.89
C SER A 37 5.54 5.83 5.05
N PCA A 1 6.42 5.17 1.86
CA PCA A 1 7.09 5.34 0.55
CB PCA A 1 8.55 5.62 0.93
CG PCA A 1 8.68 4.83 2.24
CD PCA A 1 7.26 4.90 2.82
OE PCA A 1 6.99 4.72 3.99
C PCA A 1 6.88 4.09 -0.32
O PCA A 1 7.21 3.00 0.10
H PCA A 1 5.46 5.27 1.97
HA PCA A 1 6.67 6.20 0.05
HB2 PCA A 1 8.70 6.67 1.09
HB3 PCA A 1 9.23 5.26 0.18
HG2 PCA A 1 9.37 5.31 2.93
HG3 PCA A 1 8.97 3.81 2.08
N PHE A 2 6.33 4.33 -1.49
CA PHE A 2 6.02 3.29 -2.53
C PHE A 2 6.63 1.89 -2.36
N THR A 3 5.80 0.90 -2.63
CA THR A 3 6.22 -0.53 -2.52
C THR A 3 6.03 -1.26 -3.84
N GLN A 4 6.46 -2.50 -3.81
CA GLN A 4 6.39 -3.41 -4.98
C GLN A 4 5.55 -4.63 -4.56
N GLU A 5 4.50 -4.31 -3.85
CA GLU A 5 3.54 -5.34 -3.35
C GLU A 5 2.23 -5.08 -4.11
N SER A 6 1.31 -6.03 -4.08
CA SER A 6 0.02 -5.86 -4.78
C SER A 6 -1.17 -5.57 -3.87
N CYS A 7 -2.15 -4.99 -4.52
CA CYS A 7 -3.44 -4.59 -3.86
C CYS A 7 -4.60 -4.80 -4.80
N THR A 8 -5.73 -4.62 -4.19
CA THR A 8 -7.05 -4.75 -4.87
C THR A 8 -7.66 -3.35 -4.75
N ALA A 9 -7.47 -2.78 -3.58
CA ALA A 9 -7.98 -1.42 -3.28
C ALA A 9 -6.93 -0.59 -2.52
N SER A 10 -7.22 0.68 -2.38
CA SER A 10 -6.33 1.64 -1.68
C SER A 10 -6.54 1.33 -0.19
N ASN A 11 -7.82 1.23 0.11
CA ASN A 11 -8.30 0.93 1.48
C ASN A 11 -7.57 -0.30 2.04
N GLN A 12 -7.23 -1.15 1.12
CA GLN A 12 -6.52 -2.41 1.41
C GLN A 12 -5.01 -2.15 1.32
N CYS A 13 -4.63 -1.32 0.37
CA CYS A 13 -3.18 -0.98 0.18
C CYS A 13 -2.60 -0.48 1.50
N TRP A 14 -3.47 0.11 2.27
CA TRP A 14 -3.07 0.65 3.60
C TRP A 14 -2.50 -0.50 4.44
N SER A 15 -3.26 -1.56 4.46
CA SER A 15 -2.90 -2.80 5.21
C SER A 15 -1.54 -3.31 4.74
N ILE A 16 -1.40 -3.33 3.43
CA ILE A 16 -0.13 -3.80 2.82
C ILE A 16 1.01 -2.89 3.27
N CYS A 17 0.71 -1.63 3.40
CA CYS A 17 1.75 -0.65 3.85
C CYS A 17 1.89 -0.70 5.37
N LYS A 18 0.89 -1.25 6.03
CA LYS A 18 0.89 -1.37 7.49
C LYS A 18 1.72 -2.59 7.89
N ARG A 19 1.84 -3.53 6.98
CA ARG A 19 2.62 -4.76 7.23
C ARG A 19 4.00 -4.65 6.55
N LEU A 20 4.16 -3.60 5.77
CA LEU A 20 5.43 -3.33 5.03
C LEU A 20 6.13 -2.11 5.64
N HIS A 21 5.55 -0.96 5.38
CA HIS A 21 6.09 0.34 5.88
C HIS A 21 5.19 0.92 6.99
N ASN A 22 4.78 0.02 7.85
CA ASN A 22 3.90 0.28 9.03
C ASN A 22 3.14 1.62 9.04
N THR A 23 2.38 1.76 8.00
CA THR A 23 1.53 2.97 7.80
C THR A 23 0.17 2.53 7.23
N ASN A 24 -0.79 3.41 7.34
CA ASN A 24 -2.16 3.15 6.83
C ASN A 24 -2.52 4.22 5.79
N ARG A 25 -1.47 4.83 5.31
CA ARG A 25 -1.58 5.92 4.28
C ARG A 25 -0.93 5.47 2.96
N GLY A 26 -1.68 4.66 2.25
CA GLY A 26 -1.23 4.12 0.95
C GLY A 26 -2.30 4.31 -0.14
N LYS A 27 -1.86 4.11 -1.36
CA LYS A 27 -2.75 4.25 -2.56
C LYS A 27 -2.54 3.05 -3.48
N CYS A 28 -3.60 2.54 -4.05
CA CYS A 28 -3.48 1.37 -4.97
C CYS A 28 -3.64 1.76 -6.45
N MET A 29 -3.06 0.95 -7.29
CA MET A 29 -3.12 1.18 -8.77
C MET A 29 -2.40 0.03 -9.47
N ASN A 30 -2.92 -0.37 -10.61
CA ASN A 30 -2.33 -1.49 -11.43
C ASN A 30 -1.77 -2.56 -10.50
N LYS A 31 -2.69 -3.16 -9.79
CA LYS A 31 -2.45 -4.24 -8.79
C LYS A 31 -1.08 -4.12 -8.11
N LYS A 32 -0.81 -2.89 -7.76
CA LYS A 32 0.45 -2.49 -7.07
C LYS A 32 0.06 -1.46 -6.03
N CYS A 33 0.74 -1.48 -4.91
CA CYS A 33 0.43 -0.52 -3.82
C CYS A 33 1.57 0.48 -3.61
N ARG A 34 1.17 1.63 -3.13
CA ARG A 34 2.07 2.75 -2.84
C ARG A 34 1.89 3.11 -1.37
N CYS A 35 2.95 3.53 -0.74
CA CYS A 35 2.90 3.92 0.69
C CYS A 35 3.50 5.31 0.87
N TYR A 36 3.22 5.91 1.99
CA TYR A 36 3.72 7.26 2.33
C TYR A 36 4.67 7.14 3.53
N SER A 37 5.44 8.18 3.74
CA SER A 37 6.42 8.22 4.86
C SER A 37 6.07 9.40 5.81
N PCA A 1 6.29 4.86 1.98
CA PCA A 1 7.11 4.97 0.74
CB PCA A 1 8.54 5.02 1.27
CG PCA A 1 8.35 5.69 2.65
CD PCA A 1 6.94 5.24 3.04
OE PCA A 1 6.51 5.24 4.18
C PCA A 1 6.81 3.78 -0.16
O PCA A 1 6.93 2.66 0.29
H PCA A 1 5.37 4.53 1.95
HA PCA A 1 6.86 5.89 0.25
HB2 PCA A 1 9.17 5.61 0.63
HB3 PCA A 1 8.96 4.03 1.39
HG2 PCA A 1 8.38 6.77 2.58
HG3 PCA A 1 9.06 5.34 3.38
N PHE A 2 6.41 4.07 -1.37
CA PHE A 2 6.05 3.05 -2.42
C PHE A 2 6.61 1.63 -2.20
N THR A 3 5.78 0.66 -2.47
CA THR A 3 6.16 -0.77 -2.30
C THR A 3 6.06 -1.53 -3.62
N GLN A 4 6.49 -2.75 -3.54
CA GLN A 4 6.48 -3.68 -4.70
C GLN A 4 5.55 -4.85 -4.37
N GLU A 5 4.47 -4.49 -3.73
CA GLU A 5 3.42 -5.46 -3.31
C GLU A 5 2.19 -5.21 -4.18
N SER A 6 1.25 -6.12 -4.14
CA SER A 6 0.02 -6.00 -4.92
C SER A 6 -1.18 -5.59 -4.05
N CYS A 7 -2.16 -5.07 -4.73
CA CYS A 7 -3.42 -4.60 -4.08
C CYS A 7 -4.63 -4.90 -4.95
N THR A 8 -5.74 -4.69 -4.31
CA THR A 8 -7.08 -4.89 -4.90
C THR A 8 -7.70 -3.48 -4.81
N ALA A 9 -7.51 -2.92 -3.64
CA ALA A 9 -8.04 -1.54 -3.34
C ALA A 9 -6.99 -0.71 -2.58
N SER A 10 -7.27 0.57 -2.46
CA SER A 10 -6.36 1.52 -1.75
C SER A 10 -6.53 1.16 -0.26
N ASN A 11 -7.78 0.98 0.07
CA ASN A 11 -8.18 0.63 1.45
C ASN A 11 -7.41 -0.60 1.93
N GLN A 12 -7.12 -1.42 0.97
CA GLN A 12 -6.37 -2.68 1.20
C GLN A 12 -4.87 -2.36 1.18
N CYS A 13 -4.50 -1.48 0.28
CA CYS A 13 -3.05 -1.09 0.14
C CYS A 13 -2.55 -0.59 1.49
N TRP A 14 -3.46 -0.02 2.25
CA TRP A 14 -3.11 0.51 3.60
C TRP A 14 -2.54 -0.63 4.44
N SER A 15 -3.25 -1.73 4.41
CA SER A 15 -2.87 -2.94 5.17
C SER A 15 -1.47 -3.39 4.76
N ILE A 16 -1.27 -3.41 3.46
CA ILE A 16 0.05 -3.82 2.90
C ILE A 16 1.12 -2.88 3.45
N CYS A 17 0.80 -1.61 3.49
CA CYS A 17 1.78 -0.61 4.00
C CYS A 17 1.91 -0.71 5.52
N LYS A 18 0.88 -1.23 6.14
CA LYS A 18 0.87 -1.39 7.62
C LYS A 18 1.78 -2.56 8.00
N ARG A 19 1.90 -3.52 7.12
CA ARG A 19 2.76 -4.70 7.38
C ARG A 19 4.12 -4.54 6.69
N LEU A 20 4.24 -3.49 5.91
CA LEU A 20 5.52 -3.19 5.16
C LEU A 20 6.16 -1.94 5.76
N HIS A 21 5.52 -0.82 5.49
CA HIS A 21 6.03 0.50 5.99
C HIS A 21 5.17 1.08 7.13
N ASN A 22 4.74 0.18 7.99
CA ASN A 22 3.89 0.44 9.21
C ASN A 22 3.02 1.71 9.12
N THR A 23 2.38 1.86 8.00
CA THR A 23 1.49 3.03 7.76
C THR A 23 0.16 2.59 7.12
N ASN A 24 -0.80 3.47 7.19
CA ASN A 24 -2.16 3.23 6.63
C ASN A 24 -2.47 4.33 5.60
N ARG A 25 -1.39 4.92 5.14
CA ARG A 25 -1.46 6.01 4.13
C ARG A 25 -0.86 5.52 2.80
N GLY A 26 -1.60 4.66 2.16
CA GLY A 26 -1.19 4.08 0.86
C GLY A 26 -2.28 4.18 -0.20
N LYS A 27 -1.85 3.98 -1.42
CA LYS A 27 -2.77 4.03 -2.60
C LYS A 27 -2.56 2.82 -3.52
N CYS A 28 -3.64 2.37 -4.13
CA CYS A 28 -3.58 1.20 -5.05
C CYS A 28 -3.65 1.64 -6.51
N MET A 29 -2.68 1.19 -7.26
CA MET A 29 -2.58 1.52 -8.72
C MET A 29 -2.10 0.25 -9.43
N ASN A 30 -2.71 -0.07 -10.55
CA ASN A 30 -2.35 -1.29 -11.36
C ASN A 30 -1.92 -2.43 -10.42
N LYS A 31 -2.90 -2.81 -9.62
CA LYS A 31 -2.81 -3.86 -8.58
C LYS A 31 -1.43 -3.96 -7.93
N LYS A 32 -0.97 -2.79 -7.58
CA LYS A 32 0.35 -2.58 -6.90
C LYS A 32 0.08 -1.56 -5.80
N CYS A 33 0.79 -1.61 -4.70
CA CYS A 33 0.55 -0.64 -3.62
C CYS A 33 1.64 0.43 -3.52
N ARG A 34 1.19 1.57 -3.06
CA ARG A 34 2.04 2.77 -2.85
C ARG A 34 1.87 3.12 -1.37
N CYS A 35 2.93 3.52 -0.72
CA CYS A 35 2.84 3.88 0.73
C CYS A 35 3.49 5.24 0.94
N TYR A 36 3.09 5.94 1.97
CA TYR A 36 3.63 7.27 2.29
C TYR A 36 4.21 7.26 3.71
N SER A 37 4.93 8.31 4.02
CA SER A 37 5.56 8.45 5.37
C SER A 37 5.02 9.70 6.09
N PCA A 1 6.78 5.28 0.74
CA PCA A 1 7.60 4.05 0.64
CB PCA A 1 7.80 3.63 2.09
CG PCA A 1 7.83 5.00 2.79
CD PCA A 1 6.89 5.83 1.91
OE PCA A 1 6.34 6.84 2.29
C PCA A 1 6.94 2.98 -0.25
O PCA A 1 6.48 1.97 0.25
H PCA A 1 6.23 5.62 0.00
HA PCA A 1 8.54 4.33 0.19
HB2 PCA A 1 8.72 3.10 2.21
HB3 PCA A 1 6.97 3.04 2.46
HG2 PCA A 1 8.82 5.43 2.77
HG3 PCA A 1 7.46 4.95 3.80
N PHE A 2 6.90 3.26 -1.54
CA PHE A 2 6.30 2.32 -2.55
C PHE A 2 6.62 0.85 -2.23
N THR A 3 5.73 -0.03 -2.58
CA THR A 3 5.94 -1.48 -2.32
C THR A 3 5.88 -2.30 -3.60
N GLN A 4 6.19 -3.55 -3.42
CA GLN A 4 6.21 -4.54 -4.52
C GLN A 4 5.18 -5.63 -4.17
N GLU A 5 4.11 -5.17 -3.57
CA GLU A 5 2.99 -6.07 -3.16
C GLU A 5 1.78 -5.59 -3.99
N SER A 6 0.78 -6.42 -4.10
CA SER A 6 -0.43 -6.07 -4.88
C SER A 6 -1.59 -5.63 -4.00
N CYS A 7 -2.47 -4.92 -4.66
CA CYS A 7 -3.70 -4.36 -4.03
C CYS A 7 -4.89 -4.56 -4.97
N THR A 8 -6.01 -4.31 -4.37
CA THR A 8 -7.33 -4.40 -5.04
C THR A 8 -7.81 -2.95 -5.02
N ALA A 9 -7.63 -2.35 -3.86
CA ALA A 9 -8.03 -0.93 -3.63
C ALA A 9 -7.03 -0.28 -2.67
N SER A 10 -7.15 1.03 -2.56
CA SER A 10 -6.26 1.81 -1.64
C SER A 10 -6.45 1.23 -0.23
N ASN A 11 -7.72 1.03 0.03
CA ASN A 11 -8.22 0.48 1.32
C ASN A 11 -7.44 -0.75 1.77
N GLN A 12 -7.04 -1.51 0.80
CA GLN A 12 -6.26 -2.75 1.00
C GLN A 12 -4.78 -2.43 0.95
N CYS A 13 -4.42 -1.47 0.14
CA CYS A 13 -2.97 -1.09 0.02
C CYS A 13 -2.43 -0.66 1.38
N TRP A 14 -3.32 -0.09 2.15
CA TRP A 14 -2.97 0.38 3.53
C TRP A 14 -2.36 -0.77 4.34
N SER A 15 -3.02 -1.88 4.23
CA SER A 15 -2.60 -3.13 4.93
C SER A 15 -1.17 -3.52 4.54
N ILE A 16 -0.89 -3.40 3.28
CA ILE A 16 0.47 -3.75 2.77
C ILE A 16 1.46 -2.77 3.41
N CYS A 17 1.16 -1.50 3.31
CA CYS A 17 2.06 -0.46 3.91
C CYS A 17 2.17 -0.63 5.42
N LYS A 18 1.15 -1.23 6.01
CA LYS A 18 1.11 -1.46 7.47
C LYS A 18 2.03 -2.63 7.87
N ARG A 19 2.17 -3.59 7.00
CA ARG A 19 3.03 -4.75 7.30
C ARG A 19 4.42 -4.60 6.64
N LEU A 20 4.56 -3.51 5.94
CA LEU A 20 5.85 -3.17 5.22
C LEU A 20 6.49 -1.95 5.89
N HIS A 21 5.84 -0.84 5.73
CA HIS A 21 6.32 0.46 6.31
C HIS A 21 5.32 1.04 7.33
N ASN A 22 4.88 0.17 8.19
CA ASN A 22 3.92 0.42 9.31
C ASN A 22 3.03 1.68 9.20
N THR A 23 2.42 1.79 8.05
CA THR A 23 1.50 2.92 7.74
C THR A 23 0.19 2.40 7.13
N ASN A 24 -0.80 3.25 7.17
CA ASN A 24 -2.14 2.94 6.64
C ASN A 24 -2.54 3.97 5.57
N ARG A 25 -1.65 4.88 5.32
CA ARG A 25 -1.91 5.96 4.31
C ARG A 25 -1.14 5.71 3.00
N GLY A 26 -1.66 4.75 2.28
CA GLY A 26 -1.10 4.33 0.97
C GLY A 26 -2.21 4.34 -0.07
N LYS A 27 -1.82 4.13 -1.30
CA LYS A 27 -2.81 4.10 -2.43
C LYS A 27 -2.53 2.93 -3.36
N CYS A 28 -3.55 2.53 -4.08
CA CYS A 28 -3.41 1.39 -5.04
C CYS A 28 -3.31 1.88 -6.48
N MET A 29 -2.53 1.16 -7.24
CA MET A 29 -2.30 1.49 -8.68
C MET A 29 -1.86 0.23 -9.42
N ASN A 30 -2.44 -0.02 -10.57
CA ASN A 30 -2.13 -1.22 -11.43
C ASN A 30 -1.59 -2.37 -10.58
N LYS A 31 -2.56 -2.86 -9.85
CA LYS A 31 -2.48 -3.97 -8.88
C LYS A 31 -1.15 -4.06 -8.13
N LYS A 32 -0.77 -2.90 -7.66
CA LYS A 32 0.48 -2.71 -6.89
C LYS A 32 0.18 -1.64 -5.85
N CYS A 33 0.82 -1.72 -4.71
CA CYS A 33 0.57 -0.73 -3.64
C CYS A 33 1.71 0.28 -3.46
N ARG A 34 1.31 1.45 -3.06
CA ARG A 34 2.25 2.58 -2.82
C ARG A 34 1.96 3.16 -1.43
N CYS A 35 2.97 3.73 -0.82
CA CYS A 35 2.80 4.34 0.53
C CYS A 35 3.26 5.80 0.45
N TYR A 36 2.68 6.63 1.29
CA TYR A 36 3.02 8.07 1.34
C TYR A 36 3.95 8.30 2.54
N SER A 37 3.71 7.53 3.57
CA SER A 37 4.51 7.60 4.82
C SER A 37 5.20 6.24 5.06
N PCA A 1 6.02 4.63 1.99
CA PCA A 1 7.32 3.93 1.80
CB PCA A 1 7.60 3.35 3.20
CG PCA A 1 6.92 4.38 4.11
CD PCA A 1 5.77 4.89 3.23
OE PCA A 1 4.78 5.45 3.66
C PCA A 1 7.22 2.89 0.68
O PCA A 1 7.49 1.72 0.87
H PCA A 1 5.42 4.86 1.25
HA PCA A 1 8.05 4.67 1.51
HB2 PCA A 1 8.65 3.29 3.37
HB3 PCA A 1 7.14 2.38 3.30
HG2 PCA A 1 7.59 5.21 4.36
HG3 PCA A 1 6.53 3.93 5.01
N PHE A 2 6.81 3.39 -0.46
CA PHE A 2 6.62 2.61 -1.73
C PHE A 2 7.33 1.25 -1.85
N THR A 3 6.56 0.30 -2.31
CA THR A 3 7.03 -1.10 -2.49
C THR A 3 6.51 -1.66 -3.82
N GLN A 4 6.92 -2.87 -4.06
CA GLN A 4 6.55 -3.62 -5.29
C GLN A 4 5.62 -4.74 -4.81
N GLU A 5 4.77 -4.35 -3.90
CA GLU A 5 3.77 -5.29 -3.29
C GLU A 5 2.46 -5.01 -4.06
N SER A 6 1.53 -5.92 -3.97
CA SER A 6 0.23 -5.79 -4.66
C SER A 6 -0.94 -5.45 -3.74
N CYS A 7 -1.97 -4.99 -4.41
CA CYS A 7 -3.26 -4.58 -3.77
C CYS A 7 -4.44 -5.04 -4.60
N THR A 8 -5.56 -4.78 -3.99
CA THR A 8 -6.90 -5.10 -4.56
C THR A 8 -7.57 -3.72 -4.56
N ALA A 9 -7.41 -3.09 -3.41
CA ALA A 9 -7.98 -1.72 -3.17
C ALA A 9 -6.92 -0.86 -2.47
N SER A 10 -7.24 0.42 -2.38
CA SER A 10 -6.34 1.40 -1.72
C SER A 10 -6.51 1.15 -0.21
N ASN A 11 -7.77 1.03 0.12
CA ASN A 11 -8.20 0.77 1.51
C ASN A 11 -7.45 -0.46 2.05
N GLN A 12 -7.21 -1.35 1.14
CA GLN A 12 -6.49 -2.61 1.44
C GLN A 12 -4.99 -2.32 1.41
N CYS A 13 -4.59 -1.50 0.48
CA CYS A 13 -3.13 -1.14 0.34
C CYS A 13 -2.62 -0.61 1.68
N TRP A 14 -3.51 0.00 2.42
CA TRP A 14 -3.15 0.57 3.75
C TRP A 14 -2.58 -0.57 4.62
N SER A 15 -3.34 -1.64 4.64
CA SER A 15 -3.00 -2.85 5.42
C SER A 15 -1.64 -3.38 4.97
N ILE A 16 -1.48 -3.46 3.67
CA ILE A 16 -0.21 -3.95 3.08
C ILE A 16 0.93 -3.05 3.53
N CYS A 17 0.68 -1.77 3.55
CA CYS A 17 1.73 -0.78 3.96
C CYS A 17 1.97 -0.86 5.48
N LYS A 18 0.96 -1.30 6.18
CA LYS A 18 1.03 -1.43 7.66
C LYS A 18 1.87 -2.66 8.04
N ARG A 19 1.83 -3.66 7.19
CA ARG A 19 2.60 -4.92 7.44
C ARG A 19 3.91 -4.93 6.61
N LEU A 20 4.18 -3.77 6.09
CA LEU A 20 5.39 -3.51 5.25
C LEU A 20 6.32 -2.55 6.00
N HIS A 21 5.86 -1.33 6.04
CA HIS A 21 6.59 -0.21 6.71
C HIS A 21 5.65 0.54 7.66
N ASN A 22 5.00 -0.22 8.50
CA ASN A 22 4.03 0.28 9.54
C ASN A 22 3.31 1.61 9.20
N THR A 23 2.74 1.61 8.02
CA THR A 23 2.01 2.81 7.50
C THR A 23 0.59 2.44 7.06
N ASN A 24 -0.26 3.45 7.00
CA ASN A 24 -1.68 3.26 6.60
C ASN A 24 -2.11 4.30 5.55
N ARG A 25 -1.15 5.01 5.02
CA ARG A 25 -1.44 6.06 4.00
C ARG A 25 -0.91 5.67 2.62
N GLY A 26 -1.53 4.65 2.08
CA GLY A 26 -1.19 4.11 0.75
C GLY A 26 -2.40 4.04 -0.17
N LYS A 27 -2.12 3.82 -1.42
CA LYS A 27 -3.18 3.72 -2.48
C LYS A 27 -2.82 2.55 -3.38
N CYS A 28 -3.78 2.10 -4.16
CA CYS A 28 -3.52 0.96 -5.08
C CYS A 28 -3.30 1.50 -6.50
N MET A 29 -2.20 1.08 -7.06
CA MET A 29 -1.81 1.50 -8.45
C MET A 29 -1.58 0.28 -9.34
N ASN A 30 -2.49 0.05 -10.24
CA ASN A 30 -2.41 -1.10 -11.20
C ASN A 30 -1.95 -2.37 -10.48
N LYS A 31 -2.73 -2.68 -9.48
CA LYS A 31 -2.53 -3.85 -8.59
C LYS A 31 -1.16 -3.87 -7.89
N LYS A 32 -0.67 -2.69 -7.62
CA LYS A 32 0.65 -2.52 -6.93
C LYS A 32 0.43 -1.51 -5.81
N CYS A 33 0.48 -1.98 -4.58
CA CYS A 33 0.27 -1.06 -3.44
C CYS A 33 1.43 -0.05 -3.39
N ARG A 34 1.06 1.19 -3.21
CA ARG A 34 2.03 2.31 -3.14
C ARG A 34 1.82 2.94 -1.76
N CYS A 35 2.88 3.17 -1.05
CA CYS A 35 2.76 3.79 0.30
C CYS A 35 3.41 5.17 0.17
N TYR A 36 2.78 6.15 0.78
CA TYR A 36 3.26 7.55 0.75
C TYR A 36 3.76 7.97 2.13
N SER A 37 2.85 8.02 3.07
CA SER A 37 3.16 8.41 4.47
C SER A 37 2.84 7.25 5.45
N PCA A 1 6.62 6.54 -1.31
CA PCA A 1 7.36 5.32 -0.96
CB PCA A 1 7.43 5.38 0.57
CG PCA A 1 7.55 6.90 0.77
CD PCA A 1 6.70 7.45 -0.38
OE PCA A 1 6.20 8.56 -0.39
C PCA A 1 6.68 4.06 -1.52
O PCA A 1 6.16 3.23 -0.78
H PCA A 1 6.14 6.66 -2.15
HA PCA A 1 8.35 5.39 -1.39
HB2 PCA A 1 8.29 4.87 0.95
HB3 PCA A 1 6.53 5.01 1.03
HG2 PCA A 1 8.57 7.25 0.67
HG3 PCA A 1 7.14 7.21 1.73
N PHE A 2 6.71 3.97 -2.83
CA PHE A 2 6.10 2.82 -3.56
C PHE A 2 6.65 1.47 -3.07
N THR A 3 5.88 0.43 -3.26
CA THR A 3 6.30 -0.94 -2.85
C THR A 3 6.24 -1.87 -4.05
N GLN A 4 6.67 -3.07 -3.79
CA GLN A 4 6.69 -4.14 -4.83
C GLN A 4 5.66 -5.20 -4.42
N GLU A 5 4.58 -4.69 -3.85
CA GLU A 5 3.45 -5.56 -3.39
C GLU A 5 2.23 -5.26 -4.25
N SER A 6 1.26 -6.14 -4.17
CA SER A 6 0.01 -6.02 -4.93
C SER A 6 -1.18 -5.59 -4.08
N CYS A 7 -2.14 -5.04 -4.77
CA CYS A 7 -3.40 -4.56 -4.13
C CYS A 7 -4.61 -4.86 -5.00
N THR A 8 -5.71 -4.62 -4.37
CA THR A 8 -7.06 -4.81 -4.96
C THR A 8 -7.66 -3.41 -4.89
N ALA A 9 -7.47 -2.82 -3.73
CA ALA A 9 -7.98 -1.45 -3.44
C ALA A 9 -6.94 -0.63 -2.67
N SER A 10 -7.19 0.65 -2.54
CA SER A 10 -6.27 1.57 -1.81
C SER A 10 -6.45 1.17 -0.34
N ASN A 11 -7.71 1.02 -0.02
CA ASN A 11 -8.18 0.62 1.33
C ASN A 11 -7.41 -0.58 1.85
N GLN A 12 -7.04 -1.40 0.90
CA GLN A 12 -6.28 -2.64 1.16
C GLN A 12 -4.79 -2.33 1.10
N CYS A 13 -4.43 -1.45 0.20
CA CYS A 13 -2.99 -1.06 0.04
C CYS A 13 -2.45 -0.57 1.39
N TRP A 14 -3.37 -0.01 2.15
CA TRP A 14 -3.02 0.51 3.50
C TRP A 14 -2.46 -0.64 4.35
N SER A 15 -3.20 -1.73 4.32
CA SER A 15 -2.84 -2.96 5.08
C SER A 15 -1.43 -3.38 4.70
N ILE A 16 -1.17 -3.34 3.41
CA ILE A 16 0.17 -3.73 2.89
C ILE A 16 1.22 -2.80 3.49
N CYS A 17 0.91 -1.52 3.47
CA CYS A 17 1.85 -0.52 4.03
C CYS A 17 1.94 -0.61 5.56
N LYS A 18 0.94 -1.22 6.14
CA LYS A 18 0.87 -1.39 7.61
C LYS A 18 1.73 -2.59 8.03
N ARG A 19 1.85 -3.55 7.14
CA ARG A 19 2.66 -4.76 7.42
C ARG A 19 4.05 -4.65 6.77
N LEU A 20 4.25 -3.51 6.15
CA LEU A 20 5.54 -3.19 5.45
C LEU A 20 6.25 -2.08 6.23
N HIS A 21 5.65 -0.92 6.15
CA HIS A 21 6.17 0.30 6.82
C HIS A 21 5.11 0.97 7.70
N ASN A 22 4.60 0.16 8.60
CA ASN A 22 3.54 0.49 9.61
C ASN A 22 2.69 1.76 9.39
N THR A 23 2.17 1.84 8.19
CA THR A 23 1.31 2.98 7.78
C THR A 23 0.00 2.49 7.15
N ASN A 24 -0.95 3.39 7.16
CA ASN A 24 -2.31 3.15 6.60
C ASN A 24 -2.60 4.21 5.54
N ARG A 25 -1.54 4.84 5.12
CA ARG A 25 -1.59 5.93 4.10
C ARG A 25 -0.89 5.48 2.80
N GLY A 26 -1.59 4.60 2.11
CA GLY A 26 -1.11 4.04 0.83
C GLY A 26 -2.15 4.18 -0.28
N LYS A 27 -1.70 3.93 -1.49
CA LYS A 27 -2.59 4.02 -2.69
C LYS A 27 -2.42 2.79 -3.59
N CYS A 28 -3.49 2.37 -4.20
CA CYS A 28 -3.47 1.20 -5.12
C CYS A 28 -3.53 1.65 -6.58
N MET A 29 -2.53 1.25 -7.32
CA MET A 29 -2.42 1.58 -8.77
C MET A 29 -2.06 0.30 -9.50
N ASN A 30 -2.78 -0.02 -10.55
CA ASN A 30 -2.56 -1.26 -11.37
C ASN A 30 -2.08 -2.39 -10.45
N LYS A 31 -3.02 -2.75 -9.61
CA LYS A 31 -2.91 -3.82 -8.58
C LYS A 31 -1.52 -3.93 -7.92
N LYS A 32 -1.01 -2.76 -7.63
CA LYS A 32 0.32 -2.61 -6.97
C LYS A 32 0.10 -1.58 -5.86
N CYS A 33 0.79 -1.68 -4.75
CA CYS A 33 0.58 -0.70 -3.67
C CYS A 33 1.71 0.32 -3.53
N ARG A 34 1.30 1.46 -3.01
CA ARG A 34 2.21 2.60 -2.78
C ARG A 34 2.03 3.05 -1.33
N CYS A 35 3.08 3.51 -0.70
CA CYS A 35 2.98 3.98 0.70
C CYS A 35 3.57 5.39 0.80
N TYR A 36 3.27 6.06 1.88
CA TYR A 36 3.76 7.43 2.13
C TYR A 36 4.84 7.44 3.22
N SER A 37 4.74 6.49 4.12
CA SER A 37 5.68 6.29 5.27
C SER A 37 7.01 7.07 5.18
N PCA A 1 6.78 6.52 -0.67
CA PCA A 1 7.38 5.22 -0.30
CB PCA A 1 7.32 5.24 1.23
CG PCA A 1 7.48 6.74 1.53
CD PCA A 1 6.81 7.38 0.30
OE PCA A 1 6.39 8.52 0.29
C PCA A 1 6.69 4.02 -0.95
O PCA A 1 6.07 3.22 -0.29
H PCA A 1 6.40 6.69 -1.56
HA PCA A 1 8.41 5.24 -0.64
HB2 PCA A 1 8.13 4.67 1.67
HB3 PCA A 1 6.37 4.87 1.60
HG2 PCA A 1 8.52 7.04 1.57
HG3 PCA A 1 6.96 7.04 2.42
N PHE A 2 6.80 3.96 -2.25
CA PHE A 2 6.18 2.86 -3.06
C PHE A 2 6.62 1.48 -2.53
N THR A 3 5.84 0.46 -2.82
CA THR A 3 6.16 -0.92 -2.37
C THR A 3 6.24 -1.85 -3.57
N GLN A 4 6.60 -3.07 -3.27
CA GLN A 4 6.73 -4.13 -4.30
C GLN A 4 5.67 -5.19 -4.02
N GLU A 5 4.57 -4.71 -3.49
CA GLU A 5 3.40 -5.55 -3.14
C GLU A 5 2.21 -5.17 -4.05
N SER A 6 1.23 -6.03 -4.04
CA SER A 6 0.01 -5.84 -4.86
C SER A 6 -1.16 -5.33 -4.04
N CYS A 7 -2.12 -4.83 -4.77
CA CYS A 7 -3.37 -4.28 -4.15
C CYS A 7 -4.60 -4.71 -4.94
N THR A 8 -5.69 -4.44 -4.28
CA THR A 8 -7.06 -4.73 -4.80
C THR A 8 -7.71 -3.36 -4.81
N ALA A 9 -7.52 -2.70 -3.69
CA ALA A 9 -8.07 -1.32 -3.48
C ALA A 9 -7.09 -0.53 -2.61
N SER A 10 -7.27 0.76 -2.56
CA SER A 10 -6.39 1.64 -1.74
C SER A 10 -6.50 1.13 -0.29
N ASN A 11 -7.74 0.88 0.04
CA ASN A 11 -8.13 0.38 1.38
C ASN A 11 -7.29 -0.81 1.80
N GLN A 12 -7.00 -1.64 0.83
CA GLN A 12 -6.20 -2.85 1.04
C GLN A 12 -4.71 -2.50 0.98
N CYS A 13 -4.37 -1.53 0.17
CA CYS A 13 -2.93 -1.11 0.05
C CYS A 13 -2.44 -0.68 1.43
N TRP A 14 -3.35 -0.08 2.17
CA TRP A 14 -3.01 0.39 3.55
C TRP A 14 -2.47 -0.77 4.39
N SER A 15 -3.11 -1.90 4.21
CA SER A 15 -2.73 -3.14 4.95
C SER A 15 -1.27 -3.49 4.67
N ILE A 16 -0.91 -3.36 3.42
CA ILE A 16 0.49 -3.68 3.03
C ILE A 16 1.38 -2.68 3.75
N CYS A 17 1.06 -1.42 3.57
CA CYS A 17 1.81 -0.31 4.20
C CYS A 17 1.98 -0.53 5.70
N LYS A 18 0.96 -1.14 6.25
CA LYS A 18 0.92 -1.46 7.71
C LYS A 18 1.84 -2.63 8.06
N ARG A 19 1.94 -3.59 7.18
CA ARG A 19 2.80 -4.78 7.44
C ARG A 19 4.17 -4.64 6.77
N LEU A 20 4.37 -3.49 6.17
CA LEU A 20 5.66 -3.18 5.47
C LEU A 20 6.38 -2.09 6.26
N HIS A 21 5.75 -0.94 6.29
CA HIS A 21 6.29 0.25 7.00
C HIS A 21 5.23 0.91 7.90
N ASN A 22 4.64 0.09 8.73
CA ASN A 22 3.57 0.46 9.71
C ASN A 22 2.82 1.79 9.45
N THR A 23 2.29 1.84 8.26
CA THR A 23 1.51 3.03 7.79
C THR A 23 0.15 2.59 7.23
N ASN A 24 -0.74 3.54 7.11
CA ASN A 24 -2.10 3.32 6.58
C ASN A 24 -2.43 4.35 5.48
N ARG A 25 -1.38 5.01 5.05
CA ARG A 25 -1.49 6.06 3.98
C ARG A 25 -0.94 5.55 2.65
N GLY A 26 -1.69 4.67 2.03
CA GLY A 26 -1.29 4.08 0.73
C GLY A 26 -2.41 4.14 -0.31
N LYS A 27 -2.01 3.89 -1.54
CA LYS A 27 -2.96 3.88 -2.69
C LYS A 27 -2.74 2.65 -3.57
N CYS A 28 -3.78 2.29 -4.27
CA CYS A 28 -3.77 1.11 -5.19
C CYS A 28 -3.75 1.56 -6.66
N MET A 29 -2.68 1.22 -7.33
CA MET A 29 -2.51 1.58 -8.77
C MET A 29 -2.07 0.34 -9.55
N ASN A 30 -2.80 0.02 -10.59
CA ASN A 30 -2.50 -1.17 -11.45
C ASN A 30 -2.06 -2.37 -10.59
N LYS A 31 -2.98 -2.71 -9.71
CA LYS A 31 -2.82 -3.83 -8.75
C LYS A 31 -1.46 -3.84 -8.02
N LYS A 32 -1.00 -2.65 -7.71
CA LYS A 32 0.29 -2.47 -6.98
C LYS A 32 0.01 -1.48 -5.86
N CYS A 33 0.78 -1.54 -4.80
CA CYS A 33 0.54 -0.60 -3.67
C CYS A 33 1.66 0.44 -3.53
N ARG A 34 1.25 1.61 -3.14
CA ARG A 34 2.19 2.75 -2.93
C ARG A 34 1.94 3.21 -1.50
N CYS A 35 2.98 3.40 -0.71
CA CYS A 35 2.79 3.85 0.69
C CYS A 35 3.53 5.17 0.96
N TYR A 36 3.18 5.77 2.05
CA TYR A 36 3.77 7.06 2.50
C TYR A 36 4.47 6.83 3.85
N SER A 37 4.79 7.91 4.52
CA SER A 37 5.48 7.84 5.84
C SER A 37 4.53 8.37 6.94
N PCA A 1 6.79 6.65 0.04
CA PCA A 1 7.35 5.34 0.45
CB PCA A 1 7.18 5.36 1.97
CG PCA A 1 7.39 6.86 2.27
CD PCA A 1 6.79 7.51 1.02
OE PCA A 1 6.39 8.66 0.97
C PCA A 1 6.69 4.15 -0.26
O PCA A 1 6.12 3.28 0.37
H PCA A 1 6.45 6.84 -0.86
HA PCA A 1 8.40 5.34 0.17
HB2 PCA A 1 7.92 4.76 2.46
HB3 PCA A 1 6.20 5.04 2.27
HG2 PCA A 1 8.44 7.12 2.36
HG3 PCA A 1 6.84 7.17 3.15
N PHE A 2 6.80 4.18 -1.57
CA PHE A 2 6.23 3.12 -2.45
C PHE A 2 6.59 1.70 -1.96
N THR A 3 5.78 0.74 -2.30
CA THR A 3 6.02 -0.67 -1.89
C THR A 3 6.09 -1.54 -3.14
N GLN A 4 6.45 -2.78 -2.92
CA GLN A 4 6.59 -3.77 -4.01
C GLN A 4 5.57 -4.89 -3.77
N GLU A 5 4.42 -4.48 -3.29
CA GLU A 5 3.31 -5.44 -3.00
C GLU A 5 2.13 -5.08 -3.93
N SER A 6 1.19 -5.98 -4.02
CA SER A 6 0.01 -5.80 -4.86
C SER A 6 -1.21 -5.32 -4.06
N CYS A 7 -2.17 -4.82 -4.80
CA CYS A 7 -3.42 -4.29 -4.19
C CYS A 7 -4.63 -4.68 -5.02
N THR A 8 -5.74 -4.42 -4.38
CA THR A 8 -7.09 -4.69 -4.93
C THR A 8 -7.71 -3.29 -4.94
N ALA A 9 -7.54 -2.65 -3.80
CA ALA A 9 -8.07 -1.26 -3.60
C ALA A 9 -7.13 -0.50 -2.67
N SER A 10 -7.35 0.79 -2.58
CA SER A 10 -6.51 1.65 -1.69
C SER A 10 -6.64 1.10 -0.26
N ASN A 11 -7.87 0.77 0.03
CA ASN A 11 -8.26 0.21 1.34
C ASN A 11 -7.36 -0.95 1.74
N GLN A 12 -7.03 -1.74 0.75
CA GLN A 12 -6.17 -2.91 0.94
C GLN A 12 -4.70 -2.47 0.92
N CYS A 13 -4.40 -1.46 0.13
CA CYS A 13 -2.99 -0.96 0.05
C CYS A 13 -2.54 -0.52 1.45
N TRP A 14 -3.48 0.00 2.21
CA TRP A 14 -3.16 0.46 3.58
C TRP A 14 -2.54 -0.69 4.38
N SER A 15 -3.13 -1.84 4.20
CA SER A 15 -2.68 -3.08 4.88
C SER A 15 -1.23 -3.38 4.49
N ILE A 16 -0.95 -3.24 3.22
CA ILE A 16 0.43 -3.50 2.72
C ILE A 16 1.39 -2.55 3.43
N CYS A 17 1.00 -1.30 3.47
CA CYS A 17 1.81 -0.24 4.11
C CYS A 17 2.06 -0.56 5.60
N LYS A 18 1.03 -1.13 6.18
CA LYS A 18 1.02 -1.53 7.62
C LYS A 18 1.87 -2.77 7.92
N ARG A 19 1.90 -3.71 7.01
CA ARG A 19 2.69 -4.96 7.23
C ARG A 19 4.13 -4.86 6.69
N LEU A 20 4.41 -3.72 6.13
CA LEU A 20 5.77 -3.44 5.54
C LEU A 20 6.44 -2.40 6.44
N HIS A 21 5.89 -1.22 6.38
CA HIS A 21 6.41 -0.07 7.17
C HIS A 21 5.33 0.60 8.03
N ASN A 22 4.70 -0.24 8.83
CA ASN A 22 3.60 0.13 9.78
C ASN A 22 2.87 1.47 9.54
N THR A 23 2.50 1.65 8.30
CA THR A 23 1.77 2.87 7.85
C THR A 23 0.38 2.48 7.31
N ASN A 24 -0.48 3.46 7.22
CA ASN A 24 -1.86 3.25 6.71
C ASN A 24 -2.21 4.34 5.69
N ARG A 25 -1.17 4.87 5.11
CA ARG A 25 -1.31 5.95 4.08
C ARG A 25 -0.90 5.47 2.69
N GLY A 26 -1.69 4.57 2.15
CA GLY A 26 -1.42 4.01 0.80
C GLY A 26 -2.61 4.08 -0.15
N LYS A 27 -2.28 3.90 -1.40
CA LYS A 27 -3.28 3.92 -2.51
C LYS A 27 -2.98 2.78 -3.49
N CYS A 28 -3.98 2.40 -4.24
CA CYS A 28 -3.84 1.29 -5.22
C CYS A 28 -3.83 1.77 -6.69
N MET A 29 -2.86 1.26 -7.41
CA MET A 29 -2.68 1.61 -8.85
C MET A 29 -2.16 0.35 -9.54
N ASN A 30 -2.73 0.00 -10.67
CA ASN A 30 -2.31 -1.22 -11.46
C ASN A 30 -1.88 -2.33 -10.49
N LYS A 31 -2.87 -2.74 -9.73
CA LYS A 31 -2.79 -3.80 -8.69
C LYS A 31 -1.42 -3.87 -7.98
N LYS A 32 -0.98 -2.68 -7.67
CA LYS A 32 0.32 -2.44 -6.97
C LYS A 32 0.01 -1.37 -5.92
N CYS A 33 0.70 -1.42 -4.81
CA CYS A 33 0.45 -0.41 -3.74
C CYS A 33 1.56 0.64 -3.65
N ARG A 34 1.11 1.85 -3.37
CA ARG A 34 2.03 3.01 -3.22
C ARG A 34 1.71 3.59 -1.84
N CYS A 35 2.67 3.54 -0.96
CA CYS A 35 2.47 4.07 0.40
C CYS A 35 3.29 5.34 0.67
N TYR A 36 2.90 6.01 1.73
CA TYR A 36 3.54 7.25 2.18
C TYR A 36 4.15 7.03 3.57
N SER A 37 4.50 8.11 4.23
CA SER A 37 5.11 8.03 5.59
C SER A 37 4.10 8.47 6.67
N PCA A 1 6.06 4.54 2.50
CA PCA A 1 6.97 4.76 1.35
CB PCA A 1 8.35 4.87 1.99
CG PCA A 1 8.03 5.39 3.41
CD PCA A 1 6.60 4.87 3.64
OE PCA A 1 6.08 4.78 4.72
C PCA A 1 6.80 3.56 0.41
O PCA A 1 6.94 2.43 0.86
H PCA A 1 5.17 4.21 2.39
HA PCA A 1 6.69 5.67 0.85
HB2 PCA A 1 8.96 5.58 1.45
HB3 PCA A 1 8.85 3.92 2.03
HG2 PCA A 1 8.03 6.46 3.46
HG3 PCA A 1 8.69 4.96 4.14
N PHE A 2 6.51 3.86 -0.83
CA PHE A 2 6.30 2.84 -1.93
C PHE A 2 6.72 1.39 -1.64
N THR A 3 5.82 0.50 -1.98
CA THR A 3 6.04 -0.96 -1.78
C THR A 3 5.95 -1.67 -3.13
N GLN A 4 6.41 -2.89 -3.09
CA GLN A 4 6.41 -3.77 -4.30
C GLN A 4 5.47 -4.95 -4.03
N GLU A 5 4.37 -4.59 -3.41
CA GLU A 5 3.30 -5.59 -3.07
C GLU A 5 2.10 -5.23 -3.95
N SER A 6 1.15 -6.14 -4.04
CA SER A 6 -0.06 -5.93 -4.85
C SER A 6 -1.25 -5.51 -3.99
N CYS A 7 -2.22 -4.96 -4.68
CA CYS A 7 -3.47 -4.48 -4.03
C CYS A 7 -4.67 -4.84 -4.87
N THR A 8 -5.78 -4.60 -4.24
CA THR A 8 -7.13 -4.85 -4.81
C THR A 8 -7.78 -3.46 -4.73
N ALA A 9 -7.59 -2.87 -3.57
CA ALA A 9 -8.15 -1.52 -3.27
C ALA A 9 -7.09 -0.68 -2.51
N SER A 10 -7.35 0.60 -2.43
CA SER A 10 -6.43 1.54 -1.71
C SER A 10 -6.52 1.13 -0.23
N ASN A 11 -7.77 0.94 0.14
CA ASN A 11 -8.15 0.54 1.51
C ASN A 11 -7.34 -0.69 1.95
N GLN A 12 -7.05 -1.50 0.97
CA GLN A 12 -6.28 -2.74 1.18
C GLN A 12 -4.78 -2.41 1.12
N CYS A 13 -4.44 -1.48 0.27
CA CYS A 13 -2.99 -1.08 0.13
C CYS A 13 -2.50 -0.62 1.51
N TRP A 14 -3.40 -0.06 2.26
CA TRP A 14 -3.07 0.43 3.63
C TRP A 14 -2.48 -0.72 4.45
N SER A 15 -3.15 -1.85 4.33
CA SER A 15 -2.74 -3.08 5.06
C SER A 15 -1.31 -3.48 4.67
N ILE A 16 -1.03 -3.38 3.39
CA ILE A 16 0.33 -3.72 2.89
C ILE A 16 1.33 -2.78 3.55
N CYS A 17 1.03 -1.52 3.46
CA CYS A 17 1.89 -0.46 4.05
C CYS A 17 2.06 -0.67 5.55
N LYS A 18 1.02 -1.17 6.16
CA LYS A 18 1.01 -1.44 7.62
C LYS A 18 1.92 -2.62 7.98
N ARG A 19 1.95 -3.61 7.13
CA ARG A 19 2.81 -4.79 7.39
C ARG A 19 4.19 -4.65 6.75
N LEU A 20 4.35 -3.59 5.99
CA LEU A 20 5.64 -3.28 5.29
C LEU A 20 6.31 -2.05 5.92
N HIS A 21 5.72 -0.91 5.66
CA HIS A 21 6.24 0.38 6.20
C HIS A 21 5.30 0.97 7.27
N ASN A 22 4.84 0.11 8.14
CA ASN A 22 3.91 0.44 9.28
C ASN A 22 3.09 1.75 9.12
N THR A 23 2.45 1.83 7.98
CA THR A 23 1.59 3.01 7.62
C THR A 23 0.24 2.54 7.06
N ASN A 24 -0.69 3.45 7.04
CA ASN A 24 -2.06 3.21 6.53
C ASN A 24 -2.41 4.28 5.48
N ARG A 25 -1.39 4.95 5.03
CA ARG A 25 -1.55 6.03 3.99
C ARG A 25 -0.96 5.61 2.64
N GLY A 26 -1.59 4.61 2.08
CA GLY A 26 -1.20 4.05 0.77
C GLY A 26 -2.34 4.08 -0.25
N LYS A 27 -1.94 3.96 -1.49
CA LYS A 27 -2.87 3.98 -2.65
C LYS A 27 -2.66 2.72 -3.51
N CYS A 28 -3.72 2.30 -4.17
CA CYS A 28 -3.68 1.11 -5.05
C CYS A 28 -3.66 1.55 -6.52
N MET A 29 -2.59 1.22 -7.20
CA MET A 29 -2.43 1.58 -8.64
C MET A 29 -1.96 0.36 -9.41
N ASN A 30 -2.65 0.06 -10.48
CA ASN A 30 -2.34 -1.11 -11.38
C ASN A 30 -1.90 -2.31 -10.53
N LYS A 31 -2.86 -2.69 -9.71
CA LYS A 31 -2.73 -3.84 -8.77
C LYS A 31 -1.39 -3.85 -7.98
N LYS A 32 -0.96 -2.66 -7.63
CA LYS A 32 0.31 -2.50 -6.85
C LYS A 32 0.02 -1.50 -5.73
N CYS A 33 0.80 -1.54 -4.69
CA CYS A 33 0.58 -0.60 -3.57
C CYS A 33 1.73 0.40 -3.44
N ARG A 34 1.34 1.62 -3.17
CA ARG A 34 2.29 2.74 -3.01
C ARG A 34 2.01 3.25 -1.59
N CYS A 35 3.02 3.51 -0.82
CA CYS A 35 2.83 4.01 0.58
C CYS A 35 3.54 5.36 0.76
N TYR A 36 3.13 6.08 1.77
CA TYR A 36 3.71 7.41 2.08
C TYR A 36 4.36 7.36 3.47
N SER A 37 5.22 8.33 3.69
CA SER A 37 5.99 8.52 4.97
C SER A 37 5.55 7.66 6.18
N PCA A 1 6.01 4.66 2.33
CA PCA A 1 6.94 4.84 1.19
CB PCA A 1 8.32 4.86 1.84
CG PCA A 1 8.01 5.39 3.26
CD PCA A 1 6.55 4.94 3.47
OE PCA A 1 6.00 4.87 4.56
C PCA A 1 6.72 3.67 0.22
O PCA A 1 6.87 2.54 0.63
H PCA A 1 5.09 4.37 2.21
HA PCA A 1 6.71 5.78 0.69
HB2 PCA A 1 8.97 5.55 1.32
HB3 PCA A 1 8.76 3.88 1.87
HG2 PCA A 1 8.07 6.46 3.32
HG3 PCA A 1 8.64 4.92 4.00
N PHE A 2 6.35 3.98 -0.99
CA PHE A 2 6.08 2.96 -2.09
C PHE A 2 6.64 1.55 -1.87
N THR A 3 5.82 0.59 -2.20
CA THR A 3 6.20 -0.85 -2.05
C THR A 3 6.12 -1.55 -3.40
N GLN A 4 6.54 -2.78 -3.34
CA GLN A 4 6.58 -3.68 -4.52
C GLN A 4 5.62 -4.85 -4.22
N GLU A 5 4.52 -4.47 -3.63
CA GLU A 5 3.44 -5.42 -3.24
C GLU A 5 2.24 -5.15 -4.13
N SER A 6 1.29 -6.06 -4.10
CA SER A 6 0.06 -5.94 -4.91
C SER A 6 -1.14 -5.57 -4.05
N CYS A 7 -2.13 -5.05 -4.72
CA CYS A 7 -3.40 -4.63 -4.06
C CYS A 7 -4.61 -4.96 -4.93
N THR A 8 -5.71 -4.78 -4.27
CA THR A 8 -7.06 -5.01 -4.84
C THR A 8 -7.71 -3.63 -4.73
N ALA A 9 -7.51 -3.05 -3.57
CA ALA A 9 -8.06 -1.69 -3.26
C ALA A 9 -7.03 -0.83 -2.53
N SER A 10 -7.33 0.44 -2.41
CA SER A 10 -6.44 1.41 -1.72
C SER A 10 -6.59 1.07 -0.23
N ASN A 11 -7.83 0.89 0.12
CA ASN A 11 -8.24 0.54 1.50
C ASN A 11 -7.43 -0.67 2.00
N GLN A 12 -7.11 -1.50 1.05
CA GLN A 12 -6.34 -2.73 1.30
C GLN A 12 -4.85 -2.38 1.25
N CYS A 13 -4.51 -1.51 0.33
CA CYS A 13 -3.07 -1.10 0.18
C CYS A 13 -2.56 -0.56 1.51
N TRP A 14 -3.46 0.02 2.26
CA TRP A 14 -3.10 0.58 3.59
C TRP A 14 -2.53 -0.56 4.47
N SER A 15 -3.24 -1.65 4.44
CA SER A 15 -2.86 -2.85 5.22
C SER A 15 -1.47 -3.32 4.80
N ILE A 16 -1.26 -3.33 3.52
CA ILE A 16 0.06 -3.76 2.96
C ILE A 16 1.15 -2.85 3.55
N CYS A 17 0.87 -1.57 3.51
CA CYS A 17 1.83 -0.57 4.04
C CYS A 17 2.05 -0.77 5.54
N LYS A 18 1.01 -1.19 6.21
CA LYS A 18 1.06 -1.43 7.68
C LYS A 18 1.97 -2.61 8.01
N ARG A 19 1.97 -3.60 7.14
CA ARG A 19 2.81 -4.80 7.37
C ARG A 19 4.16 -4.71 6.64
N LEU A 20 4.29 -3.67 5.84
CA LEU A 20 5.55 -3.43 5.05
C LEU A 20 6.27 -2.21 5.62
N HIS A 21 5.68 -1.06 5.37
CA HIS A 21 6.26 0.23 5.85
C HIS A 21 5.41 0.87 6.97
N ASN A 22 4.97 0.03 7.88
CA ASN A 22 4.13 0.39 9.07
C ASN A 22 3.30 1.68 8.98
N THR A 23 2.63 1.81 7.86
CA THR A 23 1.76 3.00 7.60
C THR A 23 0.39 2.57 7.08
N ASN A 24 -0.52 3.51 7.10
CA ASN A 24 -1.91 3.31 6.64
C ASN A 24 -2.29 4.35 5.58
N ARG A 25 -1.26 5.01 5.10
CA ARG A 25 -1.41 6.07 4.06
C ARG A 25 -0.91 5.54 2.71
N GLY A 26 -1.67 4.62 2.19
CA GLY A 26 -1.33 4.00 0.88
C GLY A 26 -2.43 4.14 -0.18
N LYS A 27 -2.01 3.89 -1.40
CA LYS A 27 -2.92 3.97 -2.58
C LYS A 27 -2.71 2.76 -3.50
N CYS A 28 -3.76 2.30 -4.12
CA CYS A 28 -3.66 1.14 -5.05
C CYS A 28 -3.72 1.59 -6.51
N MET A 29 -2.73 1.15 -7.25
CA MET A 29 -2.63 1.48 -8.71
C MET A 29 -2.09 0.24 -9.41
N ASN A 30 -2.68 -0.09 -10.55
CA ASN A 30 -2.27 -1.28 -11.37
C ASN A 30 -1.80 -2.40 -10.43
N LYS A 31 -2.77 -2.82 -9.66
CA LYS A 31 -2.65 -3.89 -8.63
C LYS A 31 -1.27 -3.96 -7.97
N LYS A 32 -0.86 -2.77 -7.61
CA LYS A 32 0.46 -2.53 -6.92
C LYS A 32 0.15 -1.52 -5.81
N CYS A 33 0.86 -1.58 -4.72
CA CYS A 33 0.59 -0.63 -3.62
C CYS A 33 1.67 0.43 -3.41
N ARG A 34 1.17 1.58 -3.06
CA ARG A 34 1.96 2.80 -2.78
C ARG A 34 1.75 3.13 -1.30
N CYS A 35 2.79 3.64 -0.68
CA CYS A 35 2.72 4.01 0.75
C CYS A 35 3.36 5.39 0.94
N TYR A 36 2.89 6.12 1.92
CA TYR A 36 3.41 7.47 2.23
C TYR A 36 3.88 7.55 3.70
N SER A 37 4.35 8.73 4.04
CA SER A 37 4.88 9.08 5.41
C SER A 37 5.06 7.90 6.39
N PCA A 1 6.25 5.08 1.33
CA PCA A 1 7.46 4.45 0.75
CB PCA A 1 8.25 4.03 1.99
CG PCA A 1 7.10 3.65 2.93
CD PCA A 1 6.02 4.66 2.54
OE PCA A 1 5.11 5.00 3.27
C PCA A 1 7.07 3.29 -0.19
O PCA A 1 7.18 2.15 0.20
H PCA A 1 5.70 5.75 0.85
HA PCA A 1 8.01 5.19 0.18
HB2 PCA A 1 8.82 4.86 2.38
HB3 PCA A 1 8.90 3.19 1.79
HG2 PCA A 1 7.36 3.78 3.96
HG3 PCA A 1 6.73 2.66 2.74
N PHE A 2 6.60 3.65 -1.37
CA PHE A 2 6.15 2.71 -2.45
C PHE A 2 6.61 1.25 -2.26
N THR A 3 5.69 0.34 -2.42
CA THR A 3 5.98 -1.12 -2.26
C THR A 3 5.79 -1.84 -3.58
N GLN A 4 6.19 -3.08 -3.54
CA GLN A 4 6.10 -3.98 -4.72
C GLN A 4 5.19 -5.15 -4.37
N GLU A 5 4.14 -4.82 -3.66
CA GLU A 5 3.12 -5.82 -3.22
C GLU A 5 1.88 -5.50 -4.08
N SER A 6 0.96 -6.42 -4.17
CA SER A 6 -0.26 -6.20 -4.97
C SER A 6 -1.40 -5.63 -4.14
N CYS A 7 -2.32 -5.04 -4.85
CA CYS A 7 -3.52 -4.42 -4.21
C CYS A 7 -4.76 -4.74 -5.01
N THR A 8 -5.85 -4.47 -4.35
CA THR A 8 -7.22 -4.69 -4.88
C THR A 8 -7.80 -3.27 -4.84
N ALA A 9 -7.61 -2.66 -3.69
CA ALA A 9 -8.10 -1.28 -3.43
C ALA A 9 -7.11 -0.55 -2.53
N SER A 10 -7.29 0.74 -2.41
CA SER A 10 -6.41 1.58 -1.54
C SER A 10 -6.58 1.05 -0.12
N ASN A 11 -7.83 0.81 0.17
CA ASN A 11 -8.28 0.27 1.49
C ASN A 11 -7.45 -0.93 1.94
N GLN A 12 -7.03 -1.69 0.95
CA GLN A 12 -6.21 -2.89 1.16
C GLN A 12 -4.73 -2.51 1.10
N CYS A 13 -4.43 -1.55 0.25
CA CYS A 13 -3.02 -1.09 0.10
C CYS A 13 -2.48 -0.66 1.46
N TRP A 14 -3.38 -0.12 2.25
CA TRP A 14 -3.03 0.35 3.62
C TRP A 14 -2.42 -0.80 4.41
N SER A 15 -3.08 -1.92 4.32
CA SER A 15 -2.67 -3.16 5.02
C SER A 15 -1.24 -3.54 4.64
N ILE A 16 -0.97 -3.46 3.37
CA ILE A 16 0.39 -3.80 2.86
C ILE A 16 1.39 -2.83 3.50
N CYS A 17 1.08 -1.58 3.38
CA CYS A 17 1.96 -0.52 3.95
C CYS A 17 2.03 -0.60 5.48
N LYS A 18 1.03 -1.22 6.05
CA LYS A 18 0.95 -1.38 7.53
C LYS A 18 1.86 -2.53 7.98
N ARG A 19 2.00 -3.53 7.13
CA ARG A 19 2.87 -4.68 7.48
C ARG A 19 4.26 -4.55 6.84
N LEU A 20 4.43 -3.47 6.11
CA LEU A 20 5.72 -3.15 5.42
C LEU A 20 6.35 -1.92 6.09
N HIS A 21 5.72 -0.80 5.88
CA HIS A 21 6.21 0.50 6.46
C HIS A 21 5.16 1.14 7.39
N ASN A 22 4.66 0.29 8.25
CA ASN A 22 3.64 0.58 9.30
C ASN A 22 2.86 1.90 9.17
N THR A 23 2.21 1.99 8.04
CA THR A 23 1.38 3.19 7.72
C THR A 23 0.06 2.70 7.09
N ASN A 24 -0.91 3.56 7.11
CA ASN A 24 -2.26 3.29 6.54
C ASN A 24 -2.59 4.38 5.51
N ARG A 25 -1.54 5.00 5.05
CA ARG A 25 -1.66 6.09 4.04
C ARG A 25 -1.02 5.67 2.72
N GLY A 26 -1.66 4.71 2.09
CA GLY A 26 -1.21 4.16 0.79
C GLY A 26 -2.37 4.10 -0.20
N LYS A 27 -2.02 3.89 -1.44
CA LYS A 27 -3.05 3.79 -2.52
C LYS A 27 -2.77 2.63 -3.49
N CYS A 28 -3.82 2.22 -4.15
CA CYS A 28 -3.74 1.11 -5.14
C CYS A 28 -3.76 1.60 -6.58
N MET A 29 -2.75 1.19 -7.31
CA MET A 29 -2.62 1.58 -8.75
C MET A 29 -2.10 0.35 -9.48
N ASN A 30 -2.61 0.08 -10.66
CA ASN A 30 -2.18 -1.09 -11.50
C ASN A 30 -1.80 -2.32 -10.64
N LYS A 31 -2.80 -2.72 -9.91
CA LYS A 31 -2.78 -3.85 -8.97
C LYS A 31 -1.51 -3.96 -8.11
N LYS A 32 -1.02 -2.81 -7.71
CA LYS A 32 0.20 -2.75 -6.85
C LYS A 32 -0.06 -1.64 -5.82
N CYS A 33 0.62 -1.73 -4.71
CA CYS A 33 0.43 -0.70 -3.65
C CYS A 33 1.60 0.28 -3.50
N ARG A 34 1.18 1.48 -3.15
CA ARG A 34 2.10 2.62 -2.93
C ARG A 34 1.86 3.10 -1.50
N CYS A 35 2.91 3.55 -0.86
CA CYS A 35 2.80 4.05 0.54
C CYS A 35 3.35 5.49 0.58
N TYR A 36 3.04 6.22 1.63
CA TYR A 36 3.50 7.62 1.79
C TYR A 36 4.54 7.85 2.90
N SER A 37 5.78 7.64 2.56
CA SER A 37 6.96 7.80 3.49
C SER A 37 7.03 6.75 4.61
N PCA A 1 7.21 6.07 -0.26
CA PCA A 1 8.00 4.82 -0.37
CB PCA A 1 8.50 4.61 1.07
CG PCA A 1 7.35 5.20 1.90
CD PCA A 1 6.84 6.32 0.97
OE PCA A 1 6.20 7.27 1.35
C PCA A 1 7.21 3.64 -0.96
O PCA A 1 6.79 2.75 -0.25
H PCA A 1 6.99 6.65 -1.02
HA PCA A 1 8.85 5.02 -1.01
HB2 PCA A 1 9.41 5.17 1.23
HB3 PCA A 1 8.65 3.57 1.29
HG2 PCA A 1 7.69 5.62 2.83
HG3 PCA A 1 6.56 4.48 2.07
N PHE A 2 7.05 3.68 -2.26
CA PHE A 2 6.33 2.62 -3.03
C PHE A 2 6.80 1.20 -2.65
N THR A 3 5.97 0.22 -2.91
CA THR A 3 6.32 -1.20 -2.58
C THR A 3 6.26 -2.06 -3.84
N GLN A 4 6.62 -3.30 -3.62
CA GLN A 4 6.63 -4.32 -4.69
C GLN A 4 5.57 -5.36 -4.31
N GLU A 5 4.50 -4.83 -3.78
CA GLU A 5 3.34 -5.67 -3.34
C GLU A 5 2.13 -5.33 -4.21
N SER A 6 1.13 -6.17 -4.14
CA SER A 6 -0.11 -5.98 -4.93
C SER A 6 -1.27 -5.52 -4.05
N CYS A 7 -2.24 -4.96 -4.74
CA CYS A 7 -3.47 -4.43 -4.09
C CYS A 7 -4.70 -4.80 -4.90
N THR A 8 -5.79 -4.58 -4.23
CA THR A 8 -7.16 -4.85 -4.75
C THR A 8 -7.78 -3.45 -4.74
N ALA A 9 -7.59 -2.81 -3.62
CA ALA A 9 -8.10 -1.42 -3.39
C ALA A 9 -7.09 -0.64 -2.55
N SER A 10 -7.28 0.64 -2.49
CA SER A 10 -6.38 1.52 -1.68
C SER A 10 -6.52 1.08 -0.22
N ASN A 11 -7.77 0.89 0.11
CA ASN A 11 -8.19 0.45 1.47
C ASN A 11 -7.35 -0.73 1.96
N GLN A 12 -7.07 -1.61 1.02
CA GLN A 12 -6.29 -2.81 1.30
C GLN A 12 -4.80 -2.47 1.22
N CYS A 13 -4.46 -1.58 0.32
CA CYS A 13 -3.04 -1.17 0.15
C CYS A 13 -2.51 -0.63 1.47
N TRP A 14 -3.40 -0.06 2.24
CA TRP A 14 -3.02 0.50 3.57
C TRP A 14 -2.43 -0.62 4.42
N SER A 15 -3.16 -1.72 4.44
CA SER A 15 -2.77 -2.93 5.21
C SER A 15 -1.37 -3.38 4.79
N ILE A 16 -1.19 -3.39 3.49
CA ILE A 16 0.13 -3.82 2.93
C ILE A 16 1.21 -2.88 3.44
N CYS A 17 0.90 -1.60 3.41
CA CYS A 17 1.88 -0.59 3.88
C CYS A 17 1.99 -0.61 5.41
N LYS A 18 1.00 -1.19 6.06
CA LYS A 18 0.98 -1.29 7.54
C LYS A 18 1.86 -2.47 7.97
N ARG A 19 1.97 -3.44 7.11
CA ARG A 19 2.79 -4.64 7.41
C ARG A 19 4.17 -4.52 6.72
N LEU A 20 4.29 -3.50 5.90
CA LEU A 20 5.57 -3.24 5.15
C LEU A 20 6.23 -1.96 5.69
N HIS A 21 5.62 -0.86 5.39
CA HIS A 21 6.12 0.48 5.82
C HIS A 21 5.25 1.09 6.94
N ASN A 22 4.84 0.22 7.84
CA ASN A 22 3.99 0.52 9.03
C ASN A 22 3.22 1.85 9.00
N THR A 23 2.44 1.97 7.97
CA THR A 23 1.59 3.17 7.74
C THR A 23 0.21 2.71 7.21
N ASN A 24 -0.72 3.63 7.23
CA ASN A 24 -2.11 3.38 6.76
C ASN A 24 -2.47 4.34 5.62
N ARG A 25 -1.46 5.05 5.18
CA ARG A 25 -1.61 6.03 4.06
C ARG A 25 -0.98 5.48 2.78
N GLY A 26 -1.73 4.62 2.14
CA GLY A 26 -1.28 3.97 0.88
C GLY A 26 -2.31 4.14 -0.24
N LYS A 27 -1.85 3.87 -1.43
CA LYS A 27 -2.72 3.98 -2.65
C LYS A 27 -2.58 2.75 -3.55
N CYS A 28 -3.67 2.34 -4.15
CA CYS A 28 -3.66 1.15 -5.05
C CYS A 28 -3.66 1.60 -6.52
N MET A 29 -2.65 1.17 -7.22
CA MET A 29 -2.49 1.52 -8.66
C MET A 29 -2.01 0.27 -9.40
N ASN A 30 -2.61 -0.01 -10.53
CA ASN A 30 -2.26 -1.20 -11.38
C ASN A 30 -1.84 -2.36 -10.48
N LYS A 31 -2.82 -2.76 -9.70
CA LYS A 31 -2.74 -3.85 -8.70
C LYS A 31 -1.36 -3.97 -8.03
N LYS A 32 -0.92 -2.80 -7.63
CA LYS A 32 0.39 -2.62 -6.93
C LYS A 32 0.11 -1.62 -5.80
N CYS A 33 0.83 -1.70 -4.71
CA CYS A 33 0.57 -0.74 -3.61
C CYS A 33 1.66 0.32 -3.42
N ARG A 34 1.16 1.47 -3.00
CA ARG A 34 1.98 2.67 -2.73
C ARG A 34 1.81 3.03 -1.26
N CYS A 35 2.85 3.58 -0.68
CA CYS A 35 2.83 3.99 0.74
C CYS A 35 3.33 5.43 0.83
N TYR A 36 2.90 6.13 1.84
CA TYR A 36 3.28 7.52 2.08
C TYR A 36 4.08 7.60 3.40
N SER A 37 4.60 8.78 3.66
CA SER A 37 5.41 9.13 4.86
C SER A 37 6.90 9.10 4.48
N PCA A 1 7.15 5.05 0.08
CA PCA A 1 8.25 4.36 -0.62
CB PCA A 1 9.23 4.03 0.54
CG PCA A 1 8.25 3.78 1.69
CD PCA A 1 7.10 4.75 1.36
OE PCA A 1 6.31 5.17 2.17
C PCA A 1 7.76 3.13 -1.40
O PCA A 1 8.01 2.01 -1.01
H PCA A 1 6.51 5.65 -0.37
HA PCA A 1 8.72 5.04 -1.30
HB2 PCA A 1 9.86 4.88 0.75
HB3 PCA A 1 9.83 3.17 0.33
HG2 PCA A 1 8.66 4.03 2.65
HG3 PCA A 1 7.86 2.76 1.68
N PHE A 2 7.05 3.42 -2.48
CA PHE A 2 6.46 2.38 -3.39
C PHE A 2 7.16 1.00 -3.38
N THR A 3 6.35 -0.02 -3.45
CA THR A 3 6.86 -1.43 -3.44
C THR A 3 6.36 -2.22 -4.64
N GLN A 4 6.74 -3.47 -4.60
CA GLN A 4 6.38 -4.43 -5.65
C GLN A 4 5.41 -5.46 -5.06
N GLU A 5 4.57 -4.93 -4.19
CA GLU A 5 3.53 -5.75 -3.49
C GLU A 5 2.22 -5.44 -4.22
N SER A 6 1.26 -6.31 -4.11
CA SER A 6 -0.04 -6.13 -4.77
C SER A 6 -1.17 -5.57 -3.90
N CYS A 7 -2.13 -5.01 -4.60
CA CYS A 7 -3.33 -4.41 -3.96
C CYS A 7 -4.59 -4.78 -4.75
N THR A 8 -5.67 -4.49 -4.08
CA THR A 8 -7.05 -4.74 -4.60
C THR A 8 -7.63 -3.32 -4.64
N ALA A 9 -7.42 -2.65 -3.54
CA ALA A 9 -7.89 -1.24 -3.35
C ALA A 9 -6.88 -0.51 -2.46
N SER A 10 -7.02 0.79 -2.40
CA SER A 10 -6.11 1.63 -1.57
C SER A 10 -6.36 1.19 -0.12
N ASN A 11 -7.64 1.05 0.14
CA ASN A 11 -8.16 0.62 1.46
C ASN A 11 -7.43 -0.60 2.00
N GLN A 12 -7.03 -1.44 1.08
CA GLN A 12 -6.30 -2.68 1.40
C GLN A 12 -4.81 -2.38 1.34
N CYS A 13 -4.44 -1.51 0.44
CA CYS A 13 -2.99 -1.14 0.29
C CYS A 13 -2.47 -0.62 1.63
N TRP A 14 -3.38 -0.10 2.42
CA TRP A 14 -3.01 0.42 3.76
C TRP A 14 -2.52 -0.74 4.63
N SER A 15 -3.34 -1.76 4.68
CA SER A 15 -3.06 -2.99 5.47
C SER A 15 -1.70 -3.55 5.05
N ILE A 16 -1.49 -3.53 3.77
CA ILE A 16 -0.21 -4.05 3.20
C ILE A 16 0.91 -3.12 3.67
N CYS A 17 0.67 -1.84 3.55
CA CYS A 17 1.69 -0.82 3.97
C CYS A 17 1.93 -0.85 5.48
N LYS A 18 0.99 -1.39 6.20
CA LYS A 18 1.12 -1.48 7.67
C LYS A 18 2.18 -2.54 7.94
N ARG A 19 2.17 -3.57 7.12
CA ARG A 19 3.16 -4.68 7.25
C ARG A 19 4.33 -4.52 6.26
N LEU A 20 4.35 -3.38 5.62
CA LEU A 20 5.41 -3.03 4.62
C LEU A 20 6.24 -1.87 5.16
N HIS A 21 5.59 -0.74 5.20
CA HIS A 21 6.20 0.54 5.69
C HIS A 21 5.34 1.16 6.80
N ASN A 22 4.93 0.30 7.70
CA ASN A 22 4.07 0.62 8.89
C ASN A 22 3.29 1.94 8.82
N THR A 23 2.48 1.98 7.81
CA THR A 23 1.61 3.16 7.56
C THR A 23 0.23 2.69 7.07
N ASN A 24 -0.70 3.61 7.08
CA ASN A 24 -2.11 3.35 6.64
C ASN A 24 -2.50 4.34 5.55
N ARG A 25 -1.55 5.14 5.15
CA ARG A 25 -1.78 6.17 4.09
C ARG A 25 -1.03 5.75 2.82
N GLY A 26 -1.60 4.75 2.21
CA GLY A 26 -1.06 4.17 0.95
C GLY A 26 -2.10 4.21 -0.15
N LYS A 27 -1.65 3.92 -1.35
CA LYS A 27 -2.54 3.93 -2.55
C LYS A 27 -2.38 2.68 -3.43
N CYS A 28 -3.47 2.30 -4.06
CA CYS A 28 -3.49 1.12 -4.96
C CYS A 28 -3.47 1.57 -6.43
N MET A 29 -2.46 1.12 -7.13
CA MET A 29 -2.29 1.47 -8.57
C MET A 29 -1.87 0.19 -9.30
N ASN A 30 -2.50 -0.08 -10.42
CA ASN A 30 -2.20 -1.30 -11.25
C ASN A 30 -1.80 -2.45 -10.32
N LYS A 31 -2.80 -2.84 -9.57
CA LYS A 31 -2.75 -3.92 -8.56
C LYS A 31 -1.39 -4.06 -7.86
N LYS A 32 -0.92 -2.89 -7.48
CA LYS A 32 0.39 -2.75 -6.77
C LYS A 32 0.14 -1.73 -5.65
N CYS A 33 0.88 -1.82 -4.57
CA CYS A 33 0.65 -0.85 -3.46
C CYS A 33 1.77 0.16 -3.25
N ARG A 34 1.30 1.33 -2.88
CA ARG A 34 2.12 2.52 -2.59
C ARG A 34 1.92 2.89 -1.12
N CYS A 35 2.96 3.39 -0.52
CA CYS A 35 2.93 3.81 0.90
C CYS A 35 3.57 5.19 0.94
N TYR A 36 3.16 6.04 1.86
CA TYR A 36 3.73 7.40 1.97
C TYR A 36 4.34 7.66 3.35
N SER A 37 3.50 8.04 4.30
CA SER A 37 3.97 8.33 5.69
C SER A 37 3.09 7.59 6.71
N PCA A 1 6.52 6.12 -1.71
CA PCA A 1 7.17 4.89 -1.20
CB PCA A 1 7.12 5.09 0.33
CG PCA A 1 7.22 6.63 0.44
CD PCA A 1 6.53 7.09 -0.85
OE PCA A 1 6.06 8.21 -1.02
C PCA A 1 6.44 3.65 -1.70
O PCA A 1 5.85 2.88 -0.95
H PCA A 1 6.14 6.18 -2.61
HA PCA A 1 8.18 4.87 -1.56
HB2 PCA A 1 7.96 4.62 0.81
HB3 PCA A 1 6.19 4.75 0.76
HG2 PCA A 1 8.25 6.96 0.44
HG3 PCA A 1 6.70 7.01 1.30
N PHE A 2 6.51 3.49 -3.01
CA PHE A 2 5.86 2.34 -3.71
C PHE A 2 6.29 0.98 -3.11
N THR A 3 5.52 -0.04 -3.40
CA THR A 3 5.83 -1.42 -2.88
C THR A 3 5.92 -2.41 -4.04
N GLN A 4 6.24 -3.61 -3.65
CA GLN A 4 6.40 -4.74 -4.58
C GLN A 4 5.29 -5.76 -4.19
N GLU A 5 4.18 -5.21 -3.75
CA GLU A 5 3.02 -6.04 -3.32
C GLU A 5 1.82 -5.62 -4.20
N SER A 6 0.84 -6.47 -4.28
CA SER A 6 -0.37 -6.21 -5.09
C SER A 6 -1.50 -5.60 -4.27
N CYS A 7 -2.42 -5.00 -4.98
CA CYS A 7 -3.61 -4.36 -4.34
C CYS A 7 -4.88 -4.64 -5.13
N THR A 8 -5.94 -4.34 -4.45
CA THR A 8 -7.33 -4.50 -4.97
C THR A 8 -7.87 -3.07 -4.91
N ALA A 9 -7.65 -2.49 -3.76
CA ALA A 9 -8.09 -1.09 -3.48
C ALA A 9 -7.06 -0.41 -2.58
N SER A 10 -7.18 0.88 -2.45
CA SER A 10 -6.26 1.67 -1.60
C SER A 10 -6.47 1.15 -0.16
N ASN A 11 -7.73 0.94 0.11
CA ASN A 11 -8.22 0.43 1.41
C ASN A 11 -7.46 -0.81 1.86
N GLN A 12 -7.08 -1.59 0.86
CA GLN A 12 -6.33 -2.84 1.08
C GLN A 12 -4.84 -2.54 1.04
N CYS A 13 -4.48 -1.58 0.22
CA CYS A 13 -3.04 -1.18 0.09
C CYS A 13 -2.49 -0.79 1.45
N TRP A 14 -3.37 -0.22 2.25
CA TRP A 14 -3.01 0.23 3.62
C TRP A 14 -2.40 -0.93 4.40
N SER A 15 -3.10 -2.03 4.32
CA SER A 15 -2.71 -3.29 5.00
C SER A 15 -1.27 -3.68 4.66
N ILE A 16 -0.97 -3.54 3.39
CA ILE A 16 0.40 -3.89 2.91
C ILE A 16 1.38 -2.90 3.54
N CYS A 17 1.06 -1.64 3.40
CA CYS A 17 1.92 -0.56 3.95
C CYS A 17 1.96 -0.59 5.49
N LYS A 18 1.01 -1.29 6.06
CA LYS A 18 0.93 -1.41 7.54
C LYS A 18 1.93 -2.48 7.98
N ARG A 19 2.15 -3.44 7.13
CA ARG A 19 3.10 -4.55 7.44
C ARG A 19 4.43 -4.32 6.70
N LEU A 20 4.51 -3.18 6.05
CA LEU A 20 5.72 -2.77 5.27
C LEU A 20 6.36 -1.57 5.97
N HIS A 21 5.62 -0.48 5.94
CA HIS A 21 6.05 0.81 6.55
C HIS A 21 4.99 1.35 7.52
N ASN A 22 4.56 0.46 8.37
CA ASN A 22 3.53 0.69 9.44
C ASN A 22 2.68 1.97 9.27
N THR A 23 2.03 1.99 8.14
CA THR A 23 1.14 3.13 7.79
C THR A 23 -0.16 2.63 7.15
N ASN A 24 -1.11 3.53 7.12
CA ASN A 24 -2.46 3.28 6.55
C ASN A 24 -2.74 4.39 5.52
N ARG A 25 -1.66 4.99 5.11
CA ARG A 25 -1.68 6.10 4.12
C ARG A 25 -1.04 5.62 2.81
N GLY A 26 -1.72 4.69 2.20
CA GLY A 26 -1.28 4.09 0.93
C GLY A 26 -2.39 4.13 -0.13
N LYS A 27 -1.99 3.89 -1.34
CA LYS A 27 -2.94 3.90 -2.50
C LYS A 27 -2.72 2.70 -3.43
N CYS A 28 -3.77 2.34 -4.14
CA CYS A 28 -3.71 1.21 -5.09
C CYS A 28 -3.63 1.73 -6.54
N MET A 29 -2.67 1.19 -7.24
CA MET A 29 -2.42 1.58 -8.67
C MET A 29 -1.98 0.31 -9.40
N ASN A 30 -2.50 0.10 -10.59
CA ASN A 30 -2.16 -1.10 -11.44
C ASN A 30 -1.77 -2.29 -10.56
N LYS A 31 -2.81 -2.71 -9.90
CA LYS A 31 -2.88 -3.84 -8.94
C LYS A 31 -1.60 -4.03 -8.11
N LYS A 32 -1.12 -2.89 -7.66
CA LYS A 32 0.11 -2.82 -6.82
C LYS A 32 -0.12 -1.72 -5.78
N CYS A 33 0.58 -1.81 -4.67
CA CYS A 33 0.40 -0.79 -3.62
C CYS A 33 1.50 0.27 -3.49
N ARG A 34 1.04 1.39 -2.99
CA ARG A 34 1.86 2.60 -2.74
C ARG A 34 1.73 3.01 -1.27
N CYS A 35 2.80 3.49 -0.70
CA CYS A 35 2.81 3.93 0.72
C CYS A 35 3.37 5.36 0.71
N TYR A 36 3.04 6.16 1.70
CA TYR A 36 3.53 7.54 1.78
C TYR A 36 4.21 7.87 3.11
N SER A 37 3.45 7.79 4.18
CA SER A 37 3.99 8.08 5.54
C SER A 37 3.92 6.80 6.42
N PCA A 1 6.31 5.27 1.15
CA PCA A 1 7.32 4.20 1.11
CB PCA A 1 7.46 3.80 2.58
CG PCA A 1 7.16 5.13 3.31
CD PCA A 1 6.18 5.80 2.33
OE PCA A 1 5.43 6.70 2.65
C PCA A 1 6.88 3.05 0.18
O PCA A 1 6.67 1.95 0.63
H PCA A 1 5.79 5.54 0.37
HA PCA A 1 8.24 4.61 0.71
HB2 PCA A 1 8.47 3.46 2.80
HB3 PCA A 1 6.74 3.06 2.86
HG2 PCA A 1 8.04 5.74 3.42
HG3 PCA A 1 6.68 4.97 4.25
N PHE A 2 6.72 3.40 -1.07
CA PHE A 2 6.31 2.48 -2.18
C PHE A 2 6.64 1.00 -1.90
N THR A 3 5.72 0.13 -2.22
CA THR A 3 5.93 -1.33 -2.00
C THR A 3 5.87 -2.08 -3.32
N GLN A 4 6.22 -3.33 -3.21
CA GLN A 4 6.22 -4.27 -4.36
C GLN A 4 5.24 -5.41 -4.07
N GLU A 5 4.15 -5.01 -3.46
CA GLU A 5 3.06 -5.96 -3.10
C GLU A 5 1.85 -5.53 -3.95
N SER A 6 0.91 -6.44 -4.13
CA SER A 6 -0.28 -6.14 -4.93
C SER A 6 -1.46 -5.71 -4.08
N CYS A 7 -2.37 -5.06 -4.75
CA CYS A 7 -3.61 -4.54 -4.10
C CYS A 7 -4.80 -4.73 -5.01
N THR A 8 -5.92 -4.52 -4.38
CA THR A 8 -7.25 -4.63 -5.02
C THR A 8 -7.85 -3.23 -4.85
N ALA A 9 -7.66 -2.73 -3.66
CA ALA A 9 -8.17 -1.38 -3.28
C ALA A 9 -7.10 -0.58 -2.51
N SER A 10 -7.35 0.69 -2.34
CA SER A 10 -6.41 1.59 -1.61
C SER A 10 -6.54 1.18 -0.14
N ASN A 11 -7.78 1.00 0.22
CA ASN A 11 -8.15 0.60 1.61
C ASN A 11 -7.37 -0.65 2.02
N GLN A 12 -7.07 -1.44 1.02
CA GLN A 12 -6.30 -2.69 1.20
C GLN A 12 -4.81 -2.38 1.10
N CYS A 13 -4.49 -1.45 0.23
CA CYS A 13 -3.04 -1.06 0.05
C CYS A 13 -2.47 -0.62 1.39
N TRP A 14 -3.33 -0.04 2.19
CA TRP A 14 -2.92 0.44 3.54
C TRP A 14 -2.30 -0.72 4.32
N SER A 15 -2.99 -1.83 4.24
CA SER A 15 -2.57 -3.08 4.93
C SER A 15 -1.15 -3.47 4.50
N ILE A 16 -0.90 -3.31 3.23
CA ILE A 16 0.45 -3.65 2.69
C ILE A 16 1.47 -2.69 3.32
N CYS A 17 1.16 -1.42 3.26
CA CYS A 17 2.06 -0.39 3.83
C CYS A 17 2.22 -0.58 5.34
N LYS A 18 1.23 -1.20 5.93
CA LYS A 18 1.22 -1.47 7.39
C LYS A 18 2.10 -2.68 7.75
N ARG A 19 2.01 -3.72 6.98
CA ARG A 19 2.82 -4.94 7.26
C ARG A 19 4.25 -4.82 6.70
N LEU A 20 4.48 -3.78 5.94
CA LEU A 20 5.83 -3.52 5.32
C LEU A 20 6.49 -2.28 5.95
N HIS A 21 5.83 -1.17 5.72
CA HIS A 21 6.31 0.15 6.23
C HIS A 21 5.42 0.73 7.35
N ASN A 22 4.93 -0.13 8.21
CA ASN A 22 4.03 0.24 9.36
C ASN A 22 3.24 1.58 9.22
N THR A 23 2.60 1.70 8.08
CA THR A 23 1.77 2.89 7.73
C THR A 23 0.43 2.44 7.13
N ASN A 24 -0.51 3.36 7.11
CA ASN A 24 -1.87 3.10 6.58
C ASN A 24 -2.30 4.12 5.51
N ARG A 25 -1.43 5.05 5.25
CA ARG A 25 -1.71 6.11 4.24
C ARG A 25 -1.09 5.76 2.88
N GLY A 26 -1.67 4.77 2.25
CA GLY A 26 -1.21 4.28 0.92
C GLY A 26 -2.33 4.34 -0.13
N LYS A 27 -1.90 4.14 -1.36
CA LYS A 27 -2.83 4.14 -2.53
C LYS A 27 -2.60 2.91 -3.42
N CYS A 28 -3.67 2.44 -4.03
CA CYS A 28 -3.59 1.26 -4.93
C CYS A 28 -3.67 1.70 -6.39
N MET A 29 -2.82 1.11 -7.20
CA MET A 29 -2.79 1.44 -8.66
C MET A 29 -2.17 0.25 -9.38
N ASN A 30 -2.61 -0.01 -10.58
CA ASN A 30 -2.08 -1.16 -11.41
C ASN A 30 -1.66 -2.34 -10.52
N LYS A 31 -2.67 -2.76 -9.79
CA LYS A 31 -2.62 -3.88 -8.83
C LYS A 31 -1.31 -4.00 -8.04
N LYS A 32 -0.87 -2.84 -7.63
CA LYS A 32 0.39 -2.72 -6.83
C LYS A 32 0.09 -1.62 -5.81
N CYS A 33 0.77 -1.67 -4.68
CA CYS A 33 0.54 -0.64 -3.64
C CYS A 33 1.69 0.35 -3.48
N ARG A 34 1.29 1.55 -3.15
CA ARG A 34 2.22 2.69 -2.94
C ARG A 34 1.89 3.28 -1.56
N CYS A 35 2.85 3.91 -0.93
CA CYS A 35 2.62 4.53 0.40
C CYS A 35 3.06 6.01 0.32
N TYR A 36 2.38 6.85 1.06
CA TYR A 36 2.66 8.30 1.10
C TYR A 36 3.22 8.63 2.48
N SER A 37 2.41 8.34 3.46
CA SER A 37 2.77 8.59 4.88
C SER A 37 2.67 7.21 5.56
N PCA A 1 6.03 4.76 2.14
CA PCA A 1 6.98 4.77 1.01
CB PCA A 1 8.35 4.71 1.70
CG PCA A 1 8.02 3.88 2.96
CD PCA A 1 6.56 4.28 3.23
OE PCA A 1 6.01 4.16 4.31
C PCA A 1 6.70 3.60 0.05
O PCA A 1 6.79 2.46 0.47
H PCA A 1 5.10 5.08 2.06
HA PCA A 1 6.88 5.70 0.48
HB2 PCA A 1 8.68 5.70 1.96
HB3 PCA A 1 9.08 4.22 1.08
HG2 PCA A 1 8.63 4.16 3.80
HG3 PCA A 1 8.07 2.82 2.77
N PHE A 2 6.37 3.94 -1.16
CA PHE A 2 6.04 2.98 -2.28
C PHE A 2 6.50 1.54 -2.05
N THR A 3 5.59 0.63 -2.30
CA THR A 3 5.89 -0.82 -2.11
C THR A 3 5.82 -1.54 -3.44
N GLN A 4 6.28 -2.76 -3.38
CA GLN A 4 6.31 -3.67 -4.55
C GLN A 4 5.42 -4.88 -4.22
N GLU A 5 4.31 -4.53 -3.62
CA GLU A 5 3.28 -5.52 -3.20
C GLU A 5 2.05 -5.27 -4.07
N SER A 6 1.13 -6.20 -4.08
CA SER A 6 -0.10 -6.07 -4.88
C SER A 6 -1.29 -5.69 -4.01
N CYS A 7 -2.26 -5.12 -4.68
CA CYS A 7 -3.51 -4.67 -4.01
C CYS A 7 -4.73 -4.90 -4.88
N THR A 8 -5.83 -4.72 -4.22
CA THR A 8 -7.19 -4.85 -4.80
C THR A 8 -7.79 -3.45 -4.64
N ALA A 9 -7.56 -2.92 -3.46
CA ALA A 9 -8.07 -1.56 -3.11
C ALA A 9 -7.00 -0.73 -2.39
N SER A 10 -7.28 0.53 -2.24
CA SER A 10 -6.37 1.49 -1.56
C SER A 10 -6.52 1.18 -0.07
N ASN A 11 -7.78 1.01 0.27
CA ASN A 11 -8.18 0.69 1.67
C ASN A 11 -7.40 -0.53 2.15
N GLN A 12 -7.11 -1.38 1.20
CA GLN A 12 -6.37 -2.63 1.44
C GLN A 12 -4.87 -2.31 1.36
N CYS A 13 -4.53 -1.44 0.44
CA CYS A 13 -3.09 -1.04 0.26
C CYS A 13 -2.54 -0.52 1.59
N TRP A 14 -3.43 0.03 2.38
CA TRP A 14 -3.03 0.56 3.71
C TRP A 14 -2.45 -0.58 4.56
N SER A 15 -3.17 -1.68 4.55
CA SER A 15 -2.78 -2.90 5.30
C SER A 15 -1.39 -3.36 4.86
N ILE A 16 -1.21 -3.33 3.57
CA ILE A 16 0.10 -3.75 2.99
C ILE A 16 1.18 -2.83 3.54
N CYS A 17 0.92 -1.56 3.44
CA CYS A 17 1.87 -0.51 3.93
C CYS A 17 2.19 -0.70 5.41
N LYS A 18 1.19 -1.15 6.12
CA LYS A 18 1.31 -1.39 7.58
C LYS A 18 2.17 -2.63 7.89
N ARG A 19 2.09 -3.63 7.05
CA ARG A 19 2.88 -4.86 7.27
C ARG A 19 4.21 -4.85 6.48
N LEU A 20 4.40 -3.78 5.78
CA LEU A 20 5.65 -3.58 4.95
C LEU A 20 6.49 -2.45 5.55
N HIS A 21 5.95 -1.27 5.44
CA HIS A 21 6.62 -0.04 5.96
C HIS A 21 5.74 0.69 6.99
N ASN A 22 5.25 -0.09 7.91
CA ASN A 22 4.36 0.34 9.04
C ASN A 22 3.65 1.71 8.88
N THR A 23 2.96 1.78 7.78
CA THR A 23 2.17 3.00 7.41
C THR A 23 0.72 2.61 7.05
N ASN A 24 -0.15 3.59 7.03
CA ASN A 24 -1.58 3.36 6.71
C ASN A 24 -2.12 4.32 5.64
N ARG A 25 -1.29 5.21 5.20
CA ARG A 25 -1.70 6.21 4.17
C ARG A 25 -1.09 5.89 2.80
N GLY A 26 -1.64 4.88 2.19
CA GLY A 26 -1.20 4.39 0.86
C GLY A 26 -2.36 4.38 -0.14
N LYS A 27 -2.00 4.20 -1.38
CA LYS A 27 -2.99 4.15 -2.50
C LYS A 27 -2.72 2.93 -3.38
N CYS A 28 -3.77 2.40 -3.98
CA CYS A 28 -3.64 1.22 -4.88
C CYS A 28 -3.75 1.64 -6.34
N MET A 29 -3.01 0.97 -7.18
CA MET A 29 -3.02 1.27 -8.65
C MET A 29 -2.29 0.12 -9.35
N ASN A 30 -2.65 -0.15 -10.58
CA ASN A 30 -2.03 -1.26 -11.39
C ASN A 30 -1.57 -2.41 -10.47
N LYS A 31 -2.58 -2.94 -9.83
CA LYS A 31 -2.49 -4.05 -8.86
C LYS A 31 -1.17 -4.10 -8.07
N LYS A 32 -0.81 -2.92 -7.66
CA LYS A 32 0.42 -2.69 -6.86
C LYS A 32 0.05 -1.63 -5.82
N CYS A 33 0.72 -1.65 -4.69
CA CYS A 33 0.43 -0.65 -3.64
C CYS A 33 1.53 0.40 -3.56
N ARG A 34 1.10 1.57 -3.16
CA ARG A 34 1.99 2.74 -3.01
C ARG A 34 1.76 3.22 -1.57
N CYS A 35 2.82 3.59 -0.89
CA CYS A 35 2.68 4.06 0.51
C CYS A 35 3.40 5.41 0.66
N TYR A 36 3.00 6.17 1.64
CA TYR A 36 3.60 7.48 1.91
C TYR A 36 4.41 7.38 3.21
N SER A 37 5.19 8.41 3.47
CA SER A 37 6.06 8.52 4.68
C SER A 37 5.77 7.51 5.81
N PCA A 1 6.33 5.16 1.85
CA PCA A 1 6.99 5.31 0.54
CB PCA A 1 8.45 5.58 0.91
CG PCA A 1 8.59 4.81 2.24
CD PCA A 1 7.17 4.90 2.81
OE PCA A 1 6.90 4.74 3.99
C PCA A 1 6.78 4.03 -0.29
O PCA A 1 7.07 2.95 0.16
H PCA A 1 5.36 5.26 1.95
HA PCA A 1 6.58 6.16 0.03
HB2 PCA A 1 8.62 6.64 1.05
HB3 PCA A 1 9.12 5.19 0.17
HG2 PCA A 1 9.28 5.30 2.92
HG3 PCA A 1 8.87 3.79 2.09
N PHE A 2 6.24 4.26 -1.47
CA PHE A 2 5.92 3.21 -2.51
C PHE A 2 6.50 1.81 -2.26
N THR A 3 5.66 0.82 -2.46
CA THR A 3 6.04 -0.61 -2.27
C THR A 3 5.92 -1.37 -3.60
N GLN A 4 6.35 -2.60 -3.54
CA GLN A 4 6.32 -3.51 -4.70
C GLN A 4 5.45 -4.71 -4.32
N GLU A 5 4.36 -4.40 -3.67
CA GLU A 5 3.38 -5.43 -3.22
C GLU A 5 2.09 -5.15 -4.02
N SER A 6 1.19 -6.11 -4.05
CA SER A 6 -0.09 -5.93 -4.80
C SER A 6 -1.28 -5.61 -3.91
N CYS A 7 -2.24 -5.01 -4.55
CA CYS A 7 -3.51 -4.59 -3.92
C CYS A 7 -4.65 -4.69 -4.93
N THR A 8 -5.81 -4.58 -4.37
CA THR A 8 -7.08 -4.63 -5.15
C THR A 8 -7.67 -3.23 -4.99
N ALA A 9 -7.53 -2.73 -3.78
CA ALA A 9 -8.05 -1.36 -3.44
C ALA A 9 -7.04 -0.59 -2.60
N SER A 10 -7.29 0.69 -2.46
CA SER A 10 -6.39 1.58 -1.66
C SER A 10 -6.58 1.15 -0.21
N ASN A 11 -7.84 0.94 0.10
CA ASN A 11 -8.26 0.51 1.46
C ASN A 11 -7.42 -0.66 1.96
N GLN A 12 -7.09 -1.51 1.03
CA GLN A 12 -6.29 -2.71 1.31
C GLN A 12 -4.81 -2.33 1.21
N CYS A 13 -4.50 -1.44 0.30
CA CYS A 13 -3.08 -0.99 0.12
C CYS A 13 -2.54 -0.46 1.44
N TRP A 14 -3.44 0.08 2.22
CA TRP A 14 -3.05 0.63 3.55
C TRP A 14 -2.49 -0.51 4.40
N SER A 15 -3.21 -1.60 4.39
CA SER A 15 -2.82 -2.83 5.15
C SER A 15 -1.44 -3.28 4.69
N ILE A 16 -1.25 -3.27 3.39
CA ILE A 16 0.07 -3.69 2.82
C ILE A 16 1.14 -2.79 3.40
N CYS A 17 0.87 -1.51 3.39
CA CYS A 17 1.84 -0.53 3.94
C CYS A 17 1.97 -0.67 5.45
N LYS A 18 0.95 -1.20 6.07
CA LYS A 18 0.92 -1.39 7.54
C LYS A 18 1.79 -2.61 7.91
N ARG A 19 1.89 -3.56 7.02
CA ARG A 19 2.70 -4.77 7.27
C ARG A 19 4.08 -4.65 6.58
N LEU A 20 4.23 -3.58 5.82
CA LEU A 20 5.51 -3.30 5.09
C LEU A 20 6.19 -2.08 5.70
N HIS A 21 5.60 -0.95 5.44
CA HIS A 21 6.14 0.35 5.95
C HIS A 21 5.25 0.93 7.08
N ASN A 22 4.83 0.03 7.93
CA ASN A 22 3.97 0.28 9.13
C ASN A 22 3.19 1.62 9.14
N THR A 23 2.40 1.74 8.11
CA THR A 23 1.55 2.95 7.93
C THR A 23 0.22 2.50 7.30
N ASN A 24 -0.76 3.38 7.38
CA ASN A 24 -2.11 3.10 6.82
C ASN A 24 -2.45 4.16 5.77
N ARG A 25 -1.40 4.78 5.30
CA ARG A 25 -1.49 5.84 4.25
C ARG A 25 -0.88 5.33 2.94
N GLY A 26 -1.70 4.64 2.20
CA GLY A 26 -1.29 4.06 0.90
C GLY A 26 -2.33 4.33 -0.20
N LYS A 27 -1.87 4.11 -1.41
CA LYS A 27 -2.71 4.31 -2.63
C LYS A 27 -2.54 3.09 -3.55
N CYS A 28 -3.63 2.55 -4.05
CA CYS A 28 -3.54 1.36 -4.95
C CYS A 28 -3.78 1.71 -6.42
N MET A 29 -3.17 0.92 -7.27
CA MET A 29 -3.30 1.12 -8.76
C MET A 29 -2.53 0.01 -9.46
N ASN A 30 -2.92 -0.32 -10.66
CA ASN A 30 -2.26 -1.39 -11.49
C ASN A 30 -1.71 -2.53 -10.60
N LYS A 31 -2.65 -3.06 -9.86
CA LYS A 31 -2.44 -4.17 -8.90
C LYS A 31 -1.09 -4.10 -8.15
N LYS A 32 -0.81 -2.89 -7.76
CA LYS A 32 0.44 -2.58 -7.00
C LYS A 32 0.04 -1.51 -6.00
N CYS A 33 0.73 -1.48 -4.89
CA CYS A 33 0.43 -0.49 -3.83
C CYS A 33 1.56 0.51 -3.62
N ARG A 34 1.13 1.66 -3.15
CA ARG A 34 2.03 2.80 -2.87
C ARG A 34 1.84 3.15 -1.39
N CYS A 35 2.87 3.67 -0.77
CA CYS A 35 2.80 4.06 0.65
C CYS A 35 3.38 5.46 0.86
N TYR A 36 3.09 6.02 2.01
CA TYR A 36 3.56 7.37 2.37
C TYR A 36 4.53 7.25 3.57
N SER A 37 5.18 8.35 3.86
CA SER A 37 6.17 8.38 4.99
C SER A 37 5.74 9.42 6.06
N PCA A 1 6.56 3.89 1.50
CA PCA A 1 7.83 3.77 0.73
CB PCA A 1 8.84 3.40 1.82
CG PCA A 1 8.26 4.10 3.06
CD PCA A 1 6.75 4.08 2.76
OE PCA A 1 5.89 4.20 3.62
C PCA A 1 7.65 2.73 -0.38
O PCA A 1 8.16 1.64 -0.29
H PCA A 1 5.68 3.83 1.07
HA PCA A 1 8.06 4.73 0.30
HB2 PCA A 1 9.82 3.77 1.58
HB3 PCA A 1 8.87 2.33 1.97
HG2 PCA A 1 8.59 5.12 3.13
HG3 PCA A 1 8.47 3.56 3.97
N PHE A 2 6.90 3.14 -1.39
CA PHE A 2 6.57 2.31 -2.60
C PHE A 2 7.30 0.97 -2.76
N THR A 3 6.49 -0.02 -2.97
CA THR A 3 6.97 -1.43 -3.15
C THR A 3 6.43 -2.05 -4.43
N GLN A 4 6.80 -3.29 -4.58
CA GLN A 4 6.40 -4.13 -5.73
C GLN A 4 5.44 -5.21 -5.19
N GLU A 5 4.65 -4.77 -4.24
CA GLU A 5 3.63 -5.65 -3.58
C GLU A 5 2.30 -5.28 -4.25
N SER A 6 1.39 -6.23 -4.30
CA SER A 6 0.08 -6.01 -4.93
C SER A 6 -1.11 -5.78 -4.00
N CYS A 7 -2.05 -5.09 -4.59
CA CYS A 7 -3.32 -4.70 -3.91
C CYS A 7 -4.48 -4.83 -4.89
N THR A 8 -5.63 -4.71 -4.29
CA THR A 8 -6.93 -4.78 -5.01
C THR A 8 -7.57 -3.40 -4.78
N ALA A 9 -7.39 -2.93 -3.57
CA ALA A 9 -7.96 -1.60 -3.18
C ALA A 9 -6.93 -0.74 -2.42
N SER A 10 -7.29 0.50 -2.23
CA SER A 10 -6.43 1.48 -1.51
C SER A 10 -6.64 1.15 -0.02
N ASN A 11 -7.89 0.97 0.27
CA ASN A 11 -8.35 0.62 1.64
C ASN A 11 -7.56 -0.59 2.15
N GLN A 12 -7.23 -1.42 1.19
CA GLN A 12 -6.48 -2.67 1.44
C GLN A 12 -4.99 -2.32 1.41
N CYS A 13 -4.63 -1.43 0.50
CA CYS A 13 -3.20 -1.00 0.36
C CYS A 13 -2.70 -0.48 1.71
N TRP A 14 -3.63 0.01 2.51
CA TRP A 14 -3.27 0.55 3.85
C TRP A 14 -2.72 -0.60 4.71
N SER A 15 -3.50 -1.66 4.76
CA SER A 15 -3.14 -2.87 5.53
C SER A 15 -1.74 -3.35 5.10
N ILE A 16 -1.59 -3.36 3.80
CA ILE A 16 -0.32 -3.78 3.17
C ILE A 16 0.80 -2.85 3.65
N CYS A 17 0.49 -1.57 3.67
CA CYS A 17 1.50 -0.56 4.12
C CYS A 17 1.82 -0.70 5.61
N LYS A 18 0.86 -1.19 6.35
CA LYS A 18 1.04 -1.39 7.80
C LYS A 18 1.98 -2.57 8.05
N ARG A 19 1.98 -3.51 7.13
CA ARG A 19 2.86 -4.71 7.25
C ARG A 19 4.09 -4.58 6.32
N LEU A 20 4.21 -3.41 5.75
CA LEU A 20 5.33 -3.06 4.82
C LEU A 20 6.21 -2.00 5.47
N HIS A 21 5.64 -0.83 5.54
CA HIS A 21 6.31 0.37 6.14
C HIS A 21 5.41 0.99 7.22
N ASN A 22 4.94 0.12 8.09
CA ASN A 22 4.05 0.44 9.26
C ASN A 22 3.20 1.73 9.15
N THR A 23 2.54 1.83 8.03
CA THR A 23 1.66 3.01 7.74
C THR A 23 0.29 2.56 7.23
N ASN A 24 -0.60 3.52 7.22
CA ASN A 24 -2.01 3.34 6.77
C ASN A 24 -2.31 4.40 5.70
N ARG A 25 -1.26 4.98 5.18
CA ARG A 25 -1.38 6.04 4.14
C ARG A 25 -0.86 5.58 2.77
N GLY A 26 -1.56 4.61 2.24
CA GLY A 26 -1.20 4.05 0.92
C GLY A 26 -2.36 4.05 -0.07
N LYS A 27 -1.98 4.05 -1.31
CA LYS A 27 -2.96 4.06 -2.44
C LYS A 27 -2.64 2.89 -3.36
N CYS A 28 -3.68 2.36 -3.96
CA CYS A 28 -3.52 1.21 -4.89
C CYS A 28 -3.73 1.61 -6.36
N MET A 29 -2.98 0.96 -7.20
CA MET A 29 -3.05 1.23 -8.68
C MET A 29 -2.33 0.10 -9.38
N ASN A 30 -2.73 -0.22 -10.59
CA ASN A 30 -2.12 -1.31 -11.43
C ASN A 30 -1.59 -2.45 -10.54
N LYS A 31 -2.54 -2.98 -9.80
CA LYS A 31 -2.35 -4.08 -8.85
C LYS A 31 -1.03 -4.04 -8.07
N LYS A 32 -0.72 -2.85 -7.65
CA LYS A 32 0.52 -2.58 -6.86
C LYS A 32 0.17 -1.49 -5.85
N CYS A 33 0.81 -1.52 -4.70
CA CYS A 33 0.53 -0.50 -3.65
C CYS A 33 1.71 0.44 -3.41
N ARG A 34 1.36 1.66 -3.11
CA ARG A 34 2.36 2.73 -2.84
C ARG A 34 2.03 3.24 -1.43
N CYS A 35 3.04 3.40 -0.60
CA CYS A 35 2.82 3.88 0.79
C CYS A 35 3.57 5.19 1.04
N TYR A 36 3.03 5.96 1.96
CA TYR A 36 3.59 7.26 2.37
C TYR A 36 4.00 7.14 3.85
N SER A 37 4.23 8.26 4.48
CA SER A 37 4.64 8.28 5.93
C SER A 37 3.42 8.70 6.79
N PCA A 1 6.14 5.45 2.20
CA PCA A 1 7.09 5.23 1.08
CB PCA A 1 8.45 5.25 1.78
CG PCA A 1 8.11 4.69 3.17
CD PCA A 1 6.66 5.17 3.36
OE PCA A 1 6.12 5.25 4.44
C PCA A 1 6.79 3.95 0.31
O PCA A 1 6.81 2.87 0.86
H PCA A 1 5.23 5.77 2.06
HA PCA A 1 7.02 6.08 0.41
HB2 PCA A 1 8.84 6.27 1.85
HB3 PCA A 1 9.17 4.62 1.27
HG2 PCA A 1 8.74 5.11 3.94
HG3 PCA A 1 8.14 3.61 3.20
N PHE A 2 6.52 4.15 -0.97
CA PHE A 2 6.21 3.08 -1.98
C PHE A 2 6.63 1.64 -1.63
N THR A 3 5.77 0.72 -1.98
CA THR A 3 6.02 -0.72 -1.72
C THR A 3 6.01 -1.47 -3.04
N GLN A 4 6.47 -2.69 -2.98
CA GLN A 4 6.54 -3.57 -4.15
C GLN A 4 5.58 -4.74 -3.89
N GLU A 5 4.46 -4.37 -3.33
CA GLU A 5 3.39 -5.36 -3.00
C GLU A 5 2.17 -5.03 -3.87
N SER A 6 1.24 -5.95 -3.93
CA SER A 6 0.01 -5.77 -4.72
C SER A 6 -1.19 -5.38 -3.86
N CYS A 7 -2.15 -4.83 -4.56
CA CYS A 7 -3.42 -4.36 -3.94
C CYS A 7 -4.60 -4.71 -4.82
N THR A 8 -5.72 -4.50 -4.20
CA THR A 8 -7.05 -4.74 -4.80
C THR A 8 -7.66 -3.34 -4.86
N ALA A 9 -7.50 -2.68 -3.74
CA ALA A 9 -8.00 -1.28 -3.57
C ALA A 9 -7.04 -0.51 -2.66
N SER A 10 -7.24 0.78 -2.60
CA SER A 10 -6.38 1.66 -1.75
C SER A 10 -6.52 1.14 -0.31
N ASN A 11 -7.76 0.83 -0.02
CA ASN A 11 -8.16 0.29 1.31
C ASN A 11 -7.26 -0.86 1.74
N GLN A 12 -6.91 -1.66 0.77
CA GLN A 12 -6.04 -2.83 0.99
C GLN A 12 -4.58 -2.39 0.94
N CYS A 13 -4.29 -1.41 0.13
CA CYS A 13 -2.88 -0.91 0.02
C CYS A 13 -2.41 -0.46 1.41
N TRP A 14 -3.34 0.07 2.16
CA TRP A 14 -3.03 0.55 3.53
C TRP A 14 -2.45 -0.61 4.35
N SER A 15 -3.09 -1.74 4.20
CA SER A 15 -2.68 -2.99 4.90
C SER A 15 -1.24 -3.35 4.53
N ILE A 16 -0.95 -3.24 3.26
CA ILE A 16 0.42 -3.54 2.76
C ILE A 16 1.41 -2.61 3.46
N CYS A 17 1.06 -1.35 3.45
CA CYS A 17 1.90 -0.30 4.08
C CYS A 17 2.15 -0.62 5.56
N LYS A 18 1.11 -1.13 6.16
CA LYS A 18 1.10 -1.52 7.60
C LYS A 18 1.90 -2.79 7.94
N ARG A 19 1.93 -3.73 7.03
CA ARG A 19 2.67 -4.99 7.27
C ARG A 19 4.10 -4.98 6.71
N LEU A 20 4.42 -3.87 6.10
CA LEU A 20 5.78 -3.66 5.50
C LEU A 20 6.51 -2.62 6.36
N HIS A 21 6.01 -1.42 6.28
CA HIS A 21 6.57 -0.28 7.03
C HIS A 21 5.53 0.47 7.89
N ASN A 22 4.89 -0.32 8.73
CA ASN A 22 3.83 0.11 9.69
C ASN A 22 3.12 1.46 9.43
N THR A 23 2.74 1.62 8.19
CA THR A 23 2.02 2.86 7.75
C THR A 23 0.61 2.47 7.27
N ASN A 24 -0.25 3.45 7.13
CA ASN A 24 -1.65 3.21 6.68
C ASN A 24 -2.11 4.14 5.55
N ARG A 25 -1.24 5.04 5.17
CA ARG A 25 -1.56 6.02 4.08
C ARG A 25 -0.96 5.65 2.71
N GLY A 26 -1.60 4.71 2.09
CA GLY A 26 -1.19 4.21 0.76
C GLY A 26 -2.34 4.31 -0.27
N LYS A 27 -1.96 4.13 -1.51
CA LYS A 27 -2.92 4.19 -2.65
C LYS A 27 -2.70 2.97 -3.57
N CYS A 28 -3.75 2.51 -4.20
CA CYS A 28 -3.67 1.34 -5.12
C CYS A 28 -3.77 1.71 -6.60
N MET A 29 -2.74 1.35 -7.33
CA MET A 29 -2.69 1.63 -8.80
C MET A 29 -2.16 0.37 -9.47
N ASN A 30 -2.79 -0.02 -10.56
CA ASN A 30 -2.41 -1.25 -11.34
C ASN A 30 -1.91 -2.32 -10.37
N LYS A 31 -2.85 -2.72 -9.56
CA LYS A 31 -2.70 -3.74 -8.49
C LYS A 31 -1.30 -3.76 -7.85
N LYS A 32 -0.88 -2.56 -7.55
CA LYS A 32 0.44 -2.31 -6.92
C LYS A 32 0.15 -1.25 -5.85
N CYS A 33 0.89 -1.29 -4.76
CA CYS A 33 0.66 -0.30 -3.69
C CYS A 33 1.78 0.72 -3.55
N ARG A 34 1.37 1.95 -3.45
CA ARG A 34 2.28 3.11 -3.29
C ARG A 34 1.94 3.74 -1.94
N CYS A 35 2.82 3.54 -1.00
CA CYS A 35 2.59 4.09 0.36
C CYS A 35 3.37 5.39 0.57
N TYR A 36 2.88 6.15 1.51
CA TYR A 36 3.46 7.44 1.88
C TYR A 36 3.94 7.35 3.34
N SER A 37 4.62 8.38 3.78
CA SER A 37 5.15 8.42 5.18
C SER A 37 4.46 9.59 5.93
N PCA A 1 6.06 5.40 2.13
CA PCA A 1 6.97 5.27 0.97
CB PCA A 1 8.36 5.42 1.60
CG PCA A 1 8.13 4.82 3.00
CD PCA A 1 6.66 5.17 3.27
OE PCA A 1 6.15 5.20 4.37
C PCA A 1 6.75 3.96 0.21
O PCA A 1 6.83 2.89 0.79
H PCA A 1 5.11 5.64 2.03
HA PCA A 1 6.79 6.11 0.31
HB2 PCA A 1 8.65 6.45 1.66
HB3 PCA A 1 9.10 4.85 1.07
HG2 PCA A 1 8.74 5.30 3.75
HG3 PCA A 1 8.26 3.75 3.03
N PHE A 2 6.48 4.14 -1.06
CA PHE A 2 6.22 3.04 -2.07
C PHE A 2 6.64 1.61 -1.67
N THR A 3 5.80 0.67 -2.02
CA THR A 3 6.05 -0.76 -1.73
C THR A 3 6.09 -1.56 -3.03
N GLN A 4 6.47 -2.79 -2.88
CA GLN A 4 6.59 -3.74 -4.02
C GLN A 4 5.59 -4.88 -3.81
N GLU A 5 4.45 -4.49 -3.29
CA GLU A 5 3.34 -5.45 -3.02
C GLU A 5 2.18 -5.08 -3.95
N SER A 6 1.25 -6.01 -4.06
CA SER A 6 0.06 -5.81 -4.91
C SER A 6 -1.15 -5.43 -4.07
N CYS A 7 -2.10 -4.87 -4.77
CA CYS A 7 -3.38 -4.41 -4.13
C CYS A 7 -4.57 -4.73 -5.02
N THR A 8 -5.68 -4.52 -4.39
CA THR A 8 -7.02 -4.73 -4.98
C THR A 8 -7.68 -3.36 -4.84
N ALA A 9 -7.51 -2.81 -3.67
CA ALA A 9 -8.07 -1.47 -3.33
C ALA A 9 -7.03 -0.62 -2.56
N SER A 10 -7.37 0.63 -2.39
CA SER A 10 -6.48 1.59 -1.67
C SER A 10 -6.60 1.19 -0.20
N ASN A 11 -7.83 0.95 0.15
CA ASN A 11 -8.21 0.54 1.53
C ASN A 11 -7.37 -0.67 1.97
N GLN A 12 -7.03 -1.44 0.96
CA GLN A 12 -6.23 -2.66 1.16
C GLN A 12 -4.75 -2.29 1.07
N CYS A 13 -4.45 -1.35 0.21
CA CYS A 13 -3.02 -0.89 0.04
C CYS A 13 -2.49 -0.46 1.42
N TRP A 14 -3.39 0.09 2.20
CA TRP A 14 -3.03 0.56 3.57
C TRP A 14 -2.42 -0.60 4.36
N SER A 15 -3.10 -1.72 4.24
CA SER A 15 -2.68 -2.97 4.93
C SER A 15 -1.25 -3.34 4.55
N ILE A 16 -0.99 -3.22 3.27
CA ILE A 16 0.38 -3.54 2.75
C ILE A 16 1.38 -2.60 3.42
N CYS A 17 1.03 -1.34 3.39
CA CYS A 17 1.90 -0.28 4.00
C CYS A 17 2.11 -0.55 5.50
N LYS A 18 1.10 -1.11 6.09
CA LYS A 18 1.08 -1.45 7.54
C LYS A 18 1.83 -2.74 7.91
N ARG A 19 1.90 -3.67 7.00
CA ARG A 19 2.61 -4.95 7.27
C ARG A 19 4.05 -4.93 6.74
N LEU A 20 4.38 -3.82 6.12
CA LEU A 20 5.74 -3.61 5.54
C LEU A 20 6.46 -2.56 6.39
N HIS A 21 5.95 -1.36 6.27
CA HIS A 21 6.51 -0.20 7.02
C HIS A 21 5.45 0.54 7.86
N ASN A 22 4.84 -0.23 8.72
CA ASN A 22 3.78 0.17 9.68
C ASN A 22 3.04 1.51 9.43
N THR A 23 2.66 1.68 8.19
CA THR A 23 1.92 2.91 7.74
C THR A 23 0.53 2.48 7.24
N ASN A 24 -0.37 3.43 7.16
CA ASN A 24 -1.76 3.16 6.70
C ASN A 24 -2.21 4.22 5.68
N ARG A 25 -1.22 4.87 5.12
CA ARG A 25 -1.47 5.94 4.12
C ARG A 25 -0.92 5.65 2.71
N GLY A 26 -1.56 4.72 2.06
CA GLY A 26 -1.19 4.29 0.69
C GLY A 26 -2.40 4.29 -0.25
N LYS A 27 -2.08 4.17 -1.51
CA LYS A 27 -3.11 4.14 -2.59
C LYS A 27 -2.80 2.99 -3.55
N CYS A 28 -3.83 2.48 -4.17
CA CYS A 28 -3.68 1.35 -5.14
C CYS A 28 -3.76 1.79 -6.61
N MET A 29 -2.79 1.34 -7.36
CA MET A 29 -2.69 1.65 -8.82
C MET A 29 -2.16 0.40 -9.50
N ASN A 30 -2.73 0.03 -10.63
CA ASN A 30 -2.31 -1.18 -11.41
C ASN A 30 -1.87 -2.28 -10.43
N LYS A 31 -2.85 -2.70 -9.68
CA LYS A 31 -2.75 -3.74 -8.62
C LYS A 31 -1.37 -3.81 -7.94
N LYS A 32 -0.95 -2.61 -7.62
CA LYS A 32 0.37 -2.39 -6.93
C LYS A 32 0.09 -1.30 -5.89
N CYS A 33 0.77 -1.37 -4.77
CA CYS A 33 0.53 -0.35 -3.71
C CYS A 33 1.68 0.65 -3.61
N ARG A 34 1.27 1.90 -3.48
CA ARG A 34 2.22 3.04 -3.35
C ARG A 34 1.88 3.67 -1.99
N CYS A 35 2.81 3.61 -1.08
CA CYS A 35 2.58 4.20 0.26
C CYS A 35 3.36 5.49 0.47
N TYR A 36 2.93 6.22 1.47
CA TYR A 36 3.52 7.50 1.87
C TYR A 36 4.04 7.38 3.31
N SER A 37 4.77 8.37 3.74
CA SER A 37 5.35 8.39 5.11
C SER A 37 4.78 9.57 5.91
N PCA A 1 7.10 5.64 -0.15
CA PCA A 1 8.13 4.78 -0.80
CB PCA A 1 9.09 4.47 0.35
CG PCA A 1 8.11 4.39 1.53
CD PCA A 1 7.06 5.44 1.13
OE PCA A 1 6.33 5.98 1.93
C PCA A 1 7.46 3.56 -1.44
O PCA A 1 7.51 2.48 -0.90
H PCA A 1 6.53 6.26 -0.64
HA PCA A 1 8.63 5.36 -1.57
HB2 PCA A 1 9.79 5.28 0.49
HB3 PCA A 1 9.60 3.54 0.20
HG2 PCA A 1 8.57 4.67 2.46
HG3 PCA A 1 7.63 3.43 1.61
N PHE A 2 6.84 3.81 -2.57
CA PHE A 2 6.11 2.79 -3.40
C PHE A 2 6.57 1.34 -3.15
N THR A 3 5.62 0.44 -3.12
CA THR A 3 5.93 -0.99 -2.90
C THR A 3 5.62 -1.78 -4.16
N GLN A 4 5.93 -3.04 -4.02
CA GLN A 4 5.76 -4.06 -5.05
C GLN A 4 4.80 -5.16 -4.60
N GLU A 5 3.87 -4.78 -3.75
CA GLU A 5 2.88 -5.76 -3.22
C GLU A 5 1.54 -5.32 -3.82
N SER A 6 0.70 -6.29 -4.08
CA SER A 6 -0.62 -6.09 -4.67
C SER A 6 -1.72 -5.58 -3.73
N CYS A 7 -2.67 -4.97 -4.38
CA CYS A 7 -3.86 -4.39 -3.71
C CYS A 7 -5.02 -4.40 -4.69
N THR A 8 -6.18 -4.41 -4.09
CA THR A 8 -7.45 -4.43 -4.88
C THR A 8 -7.95 -2.98 -4.81
N ALA A 9 -7.65 -2.38 -3.68
CA ALA A 9 -8.06 -0.96 -3.44
C ALA A 9 -7.08 -0.29 -2.46
N SER A 10 -7.16 1.02 -2.39
CA SER A 10 -6.29 1.80 -1.48
C SER A 10 -6.42 1.22 -0.06
N ASN A 11 -7.66 0.98 0.23
CA ASN A 11 -8.10 0.40 1.53
C ASN A 11 -7.27 -0.79 1.94
N GLN A 12 -6.98 -1.57 0.94
CA GLN A 12 -6.19 -2.78 1.08
C GLN A 12 -4.71 -2.45 0.96
N CYS A 13 -4.41 -1.41 0.21
CA CYS A 13 -2.99 -1.00 0.02
C CYS A 13 -2.43 -0.54 1.37
N TRP A 14 -3.34 -0.07 2.19
CA TRP A 14 -2.96 0.42 3.54
C TRP A 14 -2.35 -0.75 4.32
N SER A 15 -3.04 -1.87 4.22
CA SER A 15 -2.66 -3.12 4.87
C SER A 15 -1.26 -3.52 4.48
N ILE A 16 -1.00 -3.35 3.21
CA ILE A 16 0.34 -3.70 2.67
C ILE A 16 1.36 -2.75 3.28
N CYS A 17 1.04 -1.49 3.25
CA CYS A 17 1.96 -0.48 3.82
C CYS A 17 2.11 -0.63 5.33
N LYS A 18 1.13 -1.26 5.92
CA LYS A 18 1.12 -1.50 7.38
C LYS A 18 2.09 -2.62 7.73
N ARG A 19 2.15 -3.60 6.86
CA ARG A 19 3.05 -4.76 7.06
C ARG A 19 4.42 -4.53 6.41
N LEU A 20 4.48 -3.47 5.64
CA LEU A 20 5.74 -3.07 4.92
C LEU A 20 6.38 -1.87 5.58
N HIS A 21 5.76 -0.75 5.36
CA HIS A 21 6.21 0.55 5.91
C HIS A 21 5.29 1.16 6.98
N ASN A 22 4.85 0.30 7.86
CA ASN A 22 3.96 0.55 9.03
C ASN A 22 3.09 1.79 8.96
N THR A 23 2.35 1.80 7.89
CA THR A 23 1.40 2.88 7.57
C THR A 23 0.04 2.37 7.09
N ASN A 24 -0.90 3.30 7.10
CA ASN A 24 -2.29 3.09 6.71
C ASN A 24 -2.71 4.12 5.65
N ARG A 25 -1.74 4.91 5.27
CA ARG A 25 -1.92 5.98 4.25
C ARG A 25 -1.10 5.68 2.98
N GLY A 26 -1.72 4.86 2.17
CA GLY A 26 -1.19 4.39 0.89
C GLY A 26 -2.19 4.56 -0.26
N LYS A 27 -1.66 4.32 -1.43
CA LYS A 27 -2.45 4.42 -2.70
C LYS A 27 -2.31 3.15 -3.55
N CYS A 28 -3.42 2.62 -4.00
CA CYS A 28 -3.40 1.39 -4.83
C CYS A 28 -3.56 1.70 -6.32
N MET A 29 -2.99 0.83 -7.15
CA MET A 29 -3.07 1.03 -8.63
C MET A 29 -2.27 -0.06 -9.32
N ASN A 30 -2.64 -0.40 -10.52
CA ASN A 30 -1.96 -1.45 -11.34
C ASN A 30 -1.49 -2.60 -10.44
N LYS A 31 -2.48 -3.11 -9.75
CA LYS A 31 -2.35 -4.20 -8.78
C LYS A 31 -1.07 -4.19 -7.97
N LYS A 32 -0.79 -3.00 -7.53
CA LYS A 32 0.41 -2.74 -6.69
C LYS A 32 0.05 -1.57 -5.77
N CYS A 33 0.69 -1.52 -4.64
CA CYS A 33 0.48 -0.48 -3.64
C CYS A 33 1.58 0.57 -3.51
N ARG A 34 1.17 1.69 -2.99
CA ARG A 34 2.03 2.88 -2.75
C ARG A 34 1.91 3.27 -1.26
N CYS A 35 2.98 3.73 -0.65
CA CYS A 35 2.94 4.14 0.76
C CYS A 35 3.48 5.57 0.87
N TYR A 36 3.11 6.28 1.91
CA TYR A 36 3.55 7.67 2.14
C TYR A 36 4.69 7.75 3.16
N SER A 37 4.56 7.06 4.26
CA SER A 37 5.62 7.08 5.31
C SER A 37 6.13 5.63 5.55
#